data_7ZZY
#
_entry.id   7ZZY
#
_cell.length_a   1.00
_cell.length_b   1.00
_cell.length_c   1.00
_cell.angle_alpha   90.00
_cell.angle_beta   90.00
_cell.angle_gamma   90.00
#
_symmetry.space_group_name_H-M   'P 1'
#
loop_
_entity.id
_entity.type
_entity.pdbx_description
1 polymer 'Cellulose biosynthesis protein'
2 water water
#
_entity_poly.entity_id   1
_entity_poly.type   'polypeptide(L)'
_entity_poly.pdbx_seq_one_letter_code
;MSYYHHHHHHDYDIPTTLEVLFQGPMGSTIFEKKPDFTLFLQTLSWEIDDQVGIEVRNELLREVGRGMGTRIMPPPCQTV
DKLQIELNALLALIGWGTVTLELLSEDQSLRIVHENLPQVGSAGEPSGTWLAPVLEGLYGRWVTSQAGAFGDYVVTRDVD
AEDLNAVPRQTIIMYMRVRSSAT
;
_entity_poly.pdbx_strand_id   A,G,E,C,H,B,D,F
#
# COMPACT_ATOMS: atom_id res chain seq x y z
N LYS A 33 6.44 9.83 -2.44
CA LYS A 33 5.04 9.97 -2.02
C LYS A 33 4.23 10.75 -3.05
N LYS A 34 3.03 10.27 -3.33
CA LYS A 34 2.14 10.96 -4.26
C LYS A 34 1.69 12.28 -3.64
N PRO A 35 1.73 13.39 -4.38
CA PRO A 35 1.36 14.68 -3.79
C PRO A 35 -0.09 14.71 -3.35
N ASP A 36 -0.34 15.47 -2.29
CA ASP A 36 -1.69 15.65 -1.73
C ASP A 36 -2.16 17.06 -2.02
N PHE A 37 -3.37 17.17 -2.59
CA PHE A 37 -3.91 18.46 -3.02
C PHE A 37 -5.09 18.91 -2.18
N THR A 38 -5.34 18.27 -1.03
CA THR A 38 -6.53 18.60 -0.25
C THR A 38 -6.44 20.01 0.33
N LEU A 39 -5.31 20.32 0.99
CA LEU A 39 -5.16 21.64 1.60
C LEU A 39 -5.14 22.74 0.53
N PHE A 40 -4.50 22.46 -0.61
CA PHE A 40 -4.49 23.42 -1.70
C PHE A 40 -5.90 23.69 -2.20
N LEU A 41 -6.72 22.65 -2.34
CA LEU A 41 -8.10 22.84 -2.78
C LEU A 41 -8.92 23.59 -1.75
N GLN A 42 -8.69 23.33 -0.45
CA GLN A 42 -9.40 24.08 0.58
C GLN A 42 -9.08 25.56 0.51
N THR A 43 -7.79 25.89 0.42
CA THR A 43 -7.38 27.29 0.36
C THR A 43 -7.90 27.95 -0.92
N LEU A 44 -7.84 27.24 -2.04
CA LEU A 44 -8.34 27.78 -3.31
C LEU A 44 -9.85 28.03 -3.24
N SER A 45 -10.60 27.11 -2.62
CA SER A 45 -12.04 27.30 -2.48
C SER A 45 -12.35 28.52 -1.63
N TRP A 46 -11.63 28.67 -0.51
CA TRP A 46 -11.85 29.85 0.33
C TRP A 46 -11.53 31.14 -0.43
N GLU A 47 -10.41 31.16 -1.15
CA GLU A 47 -10.04 32.37 -1.88
C GLU A 47 -11.04 32.70 -2.98
N ILE A 48 -11.49 31.69 -3.72
CA ILE A 48 -12.47 31.92 -4.78
C ILE A 48 -13.78 32.41 -4.20
N ASP A 49 -14.21 31.84 -3.06
CA ASP A 49 -15.41 32.33 -2.40
C ASP A 49 -15.26 33.79 -1.99
N ASP A 50 -14.08 34.16 -1.48
CA ASP A 50 -13.88 35.54 -1.03
C ASP A 50 -13.75 36.52 -2.18
N GLN A 51 -13.32 36.06 -3.36
CA GLN A 51 -12.99 36.99 -4.44
C GLN A 51 -14.18 37.26 -5.37
N VAL A 52 -14.70 36.24 -6.03
CA VAL A 52 -15.69 36.46 -7.07
C VAL A 52 -17.11 36.42 -6.52
N GLY A 53 -17.43 35.42 -5.70
CA GLY A 53 -18.76 35.30 -5.13
C GLY A 53 -19.19 33.86 -5.08
N ILE A 54 -20.50 33.66 -4.97
CA ILE A 54 -21.10 32.33 -4.87
C ILE A 54 -21.97 32.02 -6.07
N GLU A 55 -21.90 32.82 -7.13
CA GLU A 55 -22.67 32.56 -8.34
C GLU A 55 -21.79 32.42 -9.57
N VAL A 56 -20.72 33.20 -9.68
CA VAL A 56 -19.79 33.04 -10.79
C VAL A 56 -19.02 31.72 -10.66
N ARG A 57 -18.64 31.37 -9.43
CA ARG A 57 -17.89 30.13 -9.22
C ARG A 57 -18.72 28.91 -9.60
N ASN A 58 -20.04 28.98 -9.48
CA ASN A 58 -20.88 27.86 -9.92
C ASN A 58 -20.77 27.66 -11.42
N GLU A 59 -20.82 28.74 -12.19
CA GLU A 59 -20.65 28.63 -13.64
C GLU A 59 -19.25 28.15 -13.99
N LEU A 60 -18.24 28.64 -13.27
CA LEU A 60 -16.87 28.19 -13.51
C LEU A 60 -16.73 26.69 -13.25
N LEU A 61 -17.33 26.20 -12.17
CA LEU A 61 -17.25 24.78 -11.85
C LEU A 61 -18.03 23.94 -12.86
N ARG A 62 -19.17 24.46 -13.34
CA ARG A 62 -19.92 23.75 -14.37
C ARG A 62 -19.11 23.64 -15.65
N GLU A 63 -18.42 24.72 -16.04
CA GLU A 63 -17.56 24.67 -17.22
C GLU A 63 -16.39 23.71 -17.02
N VAL A 64 -15.82 23.70 -15.81
CA VAL A 64 -14.73 22.77 -15.50
C VAL A 64 -15.22 21.32 -15.63
N GLY A 65 -16.40 21.03 -15.10
CA GLY A 65 -16.94 19.69 -15.23
C GLY A 65 -17.24 19.31 -16.67
N ARG A 66 -17.75 20.26 -17.45
CA ARG A 66 -18.02 19.99 -18.86
C ARG A 66 -16.73 19.70 -19.61
N GLY A 67 -15.66 20.44 -19.30
CA GLY A 67 -14.37 20.14 -19.90
C GLY A 67 -13.81 18.80 -19.44
N MET A 68 -14.03 18.45 -18.18
CA MET A 68 -13.60 17.15 -17.66
C MET A 68 -14.31 16.01 -18.36
N GLY A 69 -15.59 16.19 -18.69
CA GLY A 69 -16.35 15.16 -19.38
C GLY A 69 -15.85 14.83 -20.77
N THR A 70 -14.99 15.68 -21.35
CA THR A 70 -14.42 15.43 -22.66
C THR A 70 -13.22 14.48 -22.62
N ARG A 71 -12.48 14.48 -21.50
CA ARG A 71 -11.31 13.61 -21.42
C ARG A 71 -11.70 12.14 -21.30
N ILE A 72 -12.71 11.83 -20.49
CA ILE A 72 -13.17 10.47 -20.27
C ILE A 72 -14.64 10.39 -20.64
N MET A 73 -14.99 9.39 -21.45
N MET A 73 -14.98 9.41 -21.47
CA MET A 73 -16.34 9.20 -21.94
CA MET A 73 -16.35 9.20 -21.91
C MET A 73 -16.74 7.73 -21.83
C MET A 73 -16.74 7.74 -21.82
N PRO A 74 -18.02 7.45 -21.61
CA PRO A 74 -18.47 6.06 -21.60
C PRO A 74 -18.81 5.59 -23.00
N PRO A 75 -18.75 4.29 -23.26
CA PRO A 75 -19.15 3.78 -24.57
C PRO A 75 -20.65 3.95 -24.76
N PRO A 76 -21.11 4.05 -26.02
CA PRO A 76 -22.55 4.21 -26.26
C PRO A 76 -23.33 2.99 -25.82
N CYS A 77 -24.29 3.21 -24.91
CA CYS A 77 -25.09 2.15 -24.34
C CYS A 77 -26.55 2.32 -24.75
N GLN A 78 -27.28 1.19 -24.74
CA GLN A 78 -28.67 1.18 -25.19
C GLN A 78 -29.67 1.15 -24.06
N THR A 79 -29.30 0.66 -22.88
CA THR A 79 -30.21 0.54 -21.75
C THR A 79 -29.66 1.31 -20.55
N VAL A 80 -30.55 1.55 -19.58
CA VAL A 80 -30.17 2.31 -18.40
C VAL A 80 -29.21 1.52 -17.53
N ASP A 81 -29.43 0.20 -17.42
CA ASP A 81 -28.58 -0.63 -16.57
C ASP A 81 -27.15 -0.66 -17.07
N LYS A 82 -26.98 -0.80 -18.39
CA LYS A 82 -25.63 -0.78 -18.96
C LYS A 82 -24.96 0.57 -18.76
N LEU A 83 -25.74 1.65 -18.89
CA LEU A 83 -25.20 2.99 -18.63
C LEU A 83 -24.74 3.13 -17.19
N GLN A 84 -25.52 2.61 -16.25
CA GLN A 84 -25.12 2.65 -14.85
C GLN A 84 -23.84 1.86 -14.62
N ILE A 85 -23.75 0.66 -15.21
CA ILE A 85 -22.57 -0.17 -15.02
C ILE A 85 -21.33 0.50 -15.59
N GLU A 86 -21.45 1.16 -16.75
CA GLU A 86 -20.30 1.83 -17.33
C GLU A 86 -19.90 3.08 -16.53
N LEU A 87 -20.89 3.87 -16.12
CA LEU A 87 -20.61 5.09 -15.37
C LEU A 87 -19.97 4.77 -14.02
N ASN A 88 -20.38 3.66 -13.40
CA ASN A 88 -19.72 3.24 -12.16
C ASN A 88 -18.25 2.92 -12.39
N ALA A 89 -17.94 2.26 -13.51
CA ALA A 89 -16.54 1.95 -13.82
C ALA A 89 -15.72 3.22 -14.05
N LEU A 90 -16.27 4.18 -14.81
CA LEU A 90 -15.55 5.44 -15.01
C LEU A 90 -15.36 6.19 -13.70
N LEU A 91 -16.37 6.20 -12.84
CA LEU A 91 -16.23 6.88 -11.55
C LEU A 91 -15.19 6.20 -10.67
N ALA A 92 -15.19 4.87 -10.67
CA ALA A 92 -14.19 4.14 -9.88
C ALA A 92 -12.79 4.30 -10.45
N LEU A 93 -12.65 4.61 -11.74
CA LEU A 93 -11.33 4.87 -12.31
C LEU A 93 -10.65 6.04 -11.61
N ILE A 94 -11.42 7.02 -11.14
CA ILE A 94 -10.88 8.15 -10.40
C ILE A 94 -11.29 8.16 -8.93
N GLY A 95 -12.26 7.34 -8.55
CA GLY A 95 -12.65 7.25 -7.15
C GLY A 95 -13.57 8.34 -6.67
N TRP A 96 -14.38 8.92 -7.54
CA TRP A 96 -15.31 9.98 -7.16
C TRP A 96 -16.69 9.42 -6.79
N GLY A 97 -16.73 8.48 -5.87
CA GLY A 97 -17.99 7.96 -5.38
C GLY A 97 -18.65 6.98 -6.33
N THR A 98 -19.96 6.82 -6.17
CA THR A 98 -20.75 5.90 -6.98
C THR A 98 -22.03 6.60 -7.44
N VAL A 99 -22.66 6.03 -8.46
CA VAL A 99 -23.85 6.63 -9.06
C VAL A 99 -24.95 5.58 -9.14
N THR A 100 -26.19 6.06 -9.15
CA THR A 100 -27.38 5.21 -9.29
C THR A 100 -28.39 5.97 -10.15
N LEU A 101 -28.81 5.35 -11.26
CA LEU A 101 -29.74 5.97 -12.19
C LEU A 101 -31.09 5.29 -12.14
N GLU A 102 -32.15 6.09 -12.22
CA GLU A 102 -33.52 5.57 -12.24
C GLU A 102 -34.31 6.33 -13.28
N LEU A 103 -35.21 5.65 -13.97
CA LEU A 103 -36.05 6.25 -15.00
C LEU A 103 -37.48 6.30 -14.48
N LEU A 104 -37.96 7.52 -14.20
CA LEU A 104 -39.36 7.71 -13.82
C LEU A 104 -40.18 7.84 -15.11
N SER A 105 -41.11 6.91 -15.31
CA SER A 105 -41.86 6.85 -16.55
C SER A 105 -43.13 7.70 -16.49
N GLU A 106 -43.33 8.40 -15.37
CA GLU A 106 -44.49 9.29 -15.25
C GLU A 106 -44.40 10.42 -16.27
N ASP A 107 -43.21 11.00 -16.44
CA ASP A 107 -42.95 12.02 -17.45
C ASP A 107 -41.62 11.79 -18.15
N GLN A 108 -41.16 10.54 -18.18
CA GLN A 108 -39.92 10.16 -18.85
C GLN A 108 -38.72 10.96 -18.34
N SER A 109 -38.64 11.09 -17.02
CA SER A 109 -37.53 11.81 -16.38
C SER A 109 -36.48 10.84 -15.86
N LEU A 110 -35.30 11.37 -15.58
CA LEU A 110 -34.19 10.59 -15.07
C LEU A 110 -33.77 11.16 -13.72
N ARG A 111 -33.65 10.28 -12.72
CA ARG A 111 -33.20 10.65 -11.39
C ARG A 111 -31.83 10.02 -11.15
N ILE A 112 -30.87 10.86 -10.74
CA ILE A 112 -29.50 10.43 -10.52
C ILE A 112 -29.14 10.67 -9.06
N VAL A 113 -28.65 9.63 -8.39
CA VAL A 113 -28.22 9.72 -7.00
C VAL A 113 -26.73 9.43 -6.96
N HIS A 114 -25.95 10.38 -6.46
CA HIS A 114 -24.50 10.25 -6.35
C HIS A 114 -24.12 10.13 -4.89
N GLU A 115 -23.30 9.14 -4.57
CA GLU A 115 -22.90 8.85 -3.21
C GLU A 115 -21.38 8.94 -3.06
N ASN A 116 -20.95 9.35 -1.86
CA ASN A 116 -19.53 9.48 -1.53
C ASN A 116 -18.84 10.56 -2.37
N LEU A 117 -19.45 11.74 -2.38
CA LEU A 117 -18.81 12.89 -3.02
C LEU A 117 -17.58 13.30 -2.23
N PRO A 118 -16.46 13.61 -2.89
CA PRO A 118 -15.28 14.10 -2.17
C PRO A 118 -15.58 15.39 -1.42
N GLN A 119 -14.98 15.52 -0.25
CA GLN A 119 -15.19 16.68 0.62
C GLN A 119 -13.90 17.47 0.72
N VAL A 120 -13.95 18.75 0.38
CA VAL A 120 -12.82 19.66 0.51
C VAL A 120 -13.27 20.88 1.30
N GLY A 121 -12.62 21.12 2.43
CA GLY A 121 -12.96 22.27 3.24
C GLY A 121 -14.35 22.18 3.84
N SER A 122 -14.92 23.36 4.13
CA SER A 122 -16.27 23.47 4.68
C SER A 122 -17.11 24.49 3.92
N ALA A 123 -16.81 24.70 2.63
CA ALA A 123 -17.54 25.67 1.83
C ALA A 123 -18.63 24.98 1.02
N GLY A 124 -19.60 25.77 0.59
CA GLY A 124 -20.73 25.29 -0.18
C GLY A 124 -22.02 25.29 0.62
N GLU A 125 -23.11 25.10 -0.10
CA GLU A 125 -24.46 25.06 0.49
C GLU A 125 -25.10 23.71 0.20
N PRO A 126 -25.16 22.78 1.16
CA PRO A 126 -24.65 22.93 2.54
C PRO A 126 -23.14 22.76 2.63
N SER A 127 -22.58 22.99 3.81
CA SER A 127 -21.14 22.89 3.99
C SER A 127 -20.65 21.49 3.69
N GLY A 128 -19.55 21.40 2.94
CA GLY A 128 -18.97 20.14 2.54
C GLY A 128 -19.25 19.73 1.11
N THR A 129 -20.21 20.38 0.45
CA THR A 129 -20.57 20.08 -0.93
C THR A 129 -20.15 21.27 -1.79
N TRP A 130 -18.90 21.25 -2.24
CA TRP A 130 -18.35 22.30 -3.09
C TRP A 130 -18.19 21.90 -4.53
N LEU A 131 -18.19 20.61 -4.84
CA LEU A 131 -17.97 20.10 -6.19
C LEU A 131 -19.25 19.55 -6.82
N ALA A 132 -20.40 20.14 -6.50
CA ALA A 132 -21.68 19.69 -7.04
C ALA A 132 -21.91 20.18 -8.47
N PRO A 133 -21.62 21.43 -8.82
CA PRO A 133 -21.74 21.84 -10.23
C PRO A 133 -20.84 21.03 -11.16
N VAL A 134 -19.69 20.58 -10.67
CA VAL A 134 -18.83 19.70 -11.46
C VAL A 134 -19.58 18.43 -11.83
N LEU A 135 -20.25 17.82 -10.85
CA LEU A 135 -21.05 16.64 -11.13
C LEU A 135 -22.19 16.95 -12.08
N GLU A 136 -22.84 18.11 -11.90
CA GLU A 136 -23.92 18.49 -12.80
C GLU A 136 -23.46 18.52 -14.25
N GLY A 137 -22.37 19.24 -14.51
CA GLY A 137 -21.85 19.33 -15.87
C GLY A 137 -21.37 17.99 -16.40
N LEU A 138 -20.66 17.23 -15.56
CA LEU A 138 -20.13 15.93 -15.99
C LEU A 138 -21.26 14.97 -16.38
N TYR A 139 -22.28 14.87 -15.52
CA TYR A 139 -23.38 13.96 -15.81
C TYR A 139 -24.20 14.45 -16.99
N GLY A 140 -24.38 15.77 -17.13
CA GLY A 140 -25.05 16.28 -18.30
C GLY A 140 -24.36 15.88 -19.58
N ARG A 141 -23.04 16.07 -19.64
CA ARG A 141 -22.29 15.67 -20.82
C ARG A 141 -22.39 14.17 -21.06
N TRP A 142 -22.20 13.37 -20.01
CA TRP A 142 -22.15 11.92 -20.16
C TRP A 142 -23.47 11.36 -20.65
N VAL A 143 -24.59 11.89 -20.14
CA VAL A 143 -25.90 11.35 -20.52
C VAL A 143 -26.34 11.92 -21.86
N THR A 144 -26.20 13.23 -22.05
CA THR A 144 -26.65 13.85 -23.30
C THR A 144 -25.84 13.35 -24.49
N SER A 145 -24.59 12.91 -24.27
CA SER A 145 -23.79 12.40 -25.37
C SER A 145 -24.43 11.18 -26.01
N GLN A 146 -24.97 10.28 -25.20
CA GLN A 146 -25.64 9.10 -25.72
C GLN A 146 -27.08 9.41 -26.10
N ALA A 149 -31.77 7.47 -20.99
CA ALA A 149 -30.59 8.00 -21.64
C ALA A 149 -30.92 9.20 -22.51
N PHE A 150 -31.22 8.92 -23.78
CA PHE A 150 -31.61 9.94 -24.75
C PHE A 150 -30.48 10.95 -24.97
N GLY A 151 -30.75 12.00 -25.75
CA GLY A 151 -29.73 12.98 -26.05
C GLY A 151 -30.22 14.42 -26.02
N ASP A 152 -31.28 14.67 -25.25
CA ASP A 152 -31.82 16.03 -25.12
C ASP A 152 -32.38 16.16 -23.70
N TYR A 153 -31.55 16.67 -22.79
CA TYR A 153 -31.92 16.81 -21.39
C TYR A 153 -31.10 17.93 -20.77
N VAL A 154 -31.57 18.42 -19.62
CA VAL A 154 -30.87 19.43 -18.84
C VAL A 154 -30.85 18.99 -17.39
N VAL A 155 -29.74 19.25 -16.70
CA VAL A 155 -29.55 18.83 -15.31
C VAL A 155 -29.91 19.99 -14.40
N THR A 156 -30.76 19.72 -13.42
CA THR A 156 -31.13 20.69 -12.39
C THR A 156 -30.99 20.02 -11.03
N ARG A 157 -30.11 20.56 -10.19
CA ARG A 157 -29.89 19.99 -8.87
C ARG A 157 -31.12 20.15 -8.00
N ASP A 158 -31.47 19.10 -7.27
CA ASP A 158 -32.62 19.09 -6.38
C ASP A 158 -32.14 19.37 -4.96
N VAL A 159 -32.20 20.63 -4.55
CA VAL A 159 -31.75 21.03 -3.22
C VAL A 159 -32.79 21.92 -2.56
N ALA A 166 -33.55 14.10 4.51
CA ALA A 166 -32.82 13.30 5.48
C ALA A 166 -31.66 12.58 4.83
N VAL A 167 -31.28 13.02 3.64
CA VAL A 167 -30.17 12.43 2.89
C VAL A 167 -28.86 12.79 3.57
N PRO A 168 -27.81 11.97 3.44
CA PRO A 168 -26.52 12.31 4.04
C PRO A 168 -25.93 13.58 3.45
N ARG A 169 -24.84 14.04 4.06
CA ARG A 169 -24.21 15.29 3.63
C ARG A 169 -23.56 15.15 2.26
N GLN A 170 -23.04 13.97 1.93
CA GLN A 170 -22.28 13.77 0.70
C GLN A 170 -23.12 13.18 -0.43
N THR A 171 -24.44 13.13 -0.27
CA THR A 171 -25.32 12.59 -1.29
C THR A 171 -25.94 13.73 -2.09
N ILE A 172 -25.81 13.64 -3.42
CA ILE A 172 -26.30 14.67 -4.33
C ILE A 172 -27.38 14.05 -5.22
N ILE A 173 -28.50 14.73 -5.33
CA ILE A 173 -29.64 14.27 -6.13
C ILE A 173 -29.87 15.27 -7.26
N MET A 174 -29.93 14.76 -8.49
CA MET A 174 -30.12 15.58 -9.67
C MET A 174 -31.23 14.99 -10.53
N TYR A 175 -31.85 15.85 -11.34
CA TYR A 175 -32.93 15.46 -12.23
C TYR A 175 -32.56 15.81 -13.66
N MET A 176 -32.96 14.95 -14.60
CA MET A 176 -32.64 15.09 -16.02
C MET A 176 -33.95 15.08 -16.79
N ARG A 177 -34.56 16.25 -16.97
CA ARG A 177 -35.81 16.39 -17.68
C ARG A 177 -35.61 17.27 -18.91
N VAL A 178 -36.40 17.00 -19.94
CA VAL A 178 -36.31 17.75 -21.19
C VAL A 178 -36.91 19.15 -21.01
N LYS B 33 11.16 1.04 4.43
CA LYS B 33 10.01 0.98 5.33
C LYS B 33 9.96 2.20 6.24
N LYS B 34 8.75 2.75 6.42
CA LYS B 34 8.57 3.89 7.30
C LYS B 34 8.82 3.46 8.75
N PRO B 35 9.59 4.22 9.52
CA PRO B 35 9.90 3.80 10.89
C PRO B 35 8.65 3.71 11.76
N ASP B 36 8.68 2.77 12.70
CA ASP B 36 7.59 2.55 13.63
C ASP B 36 8.03 2.97 15.03
N PHE B 37 7.22 3.82 15.68
CA PHE B 37 7.57 4.40 16.96
C PHE B 37 6.73 3.87 18.12
N THR B 38 5.99 2.77 17.90
CA THR B 38 5.08 2.29 18.92
C THR B 38 5.84 1.76 20.13
N LEU B 39 6.82 0.88 19.90
CA LEU B 39 7.59 0.32 21.00
C LEU B 39 8.37 1.40 21.75
N PHE B 40 8.92 2.36 21.00
CA PHE B 40 9.64 3.46 21.63
C PHE B 40 8.71 4.27 22.53
N LEU B 41 7.49 4.55 22.07
CA LEU B 41 6.55 5.31 22.89
C LEU B 41 6.11 4.51 24.12
N GLN B 42 5.91 3.20 23.97
CA GLN B 42 5.56 2.38 25.14
C GLN B 42 6.67 2.42 26.19
N THR B 43 7.92 2.21 25.76
CA THR B 43 9.02 2.23 26.71
C THR B 43 9.20 3.61 27.34
N LEU B 44 9.04 4.67 26.54
CA LEU B 44 9.16 6.02 27.06
C LEU B 44 8.06 6.31 28.08
N SER B 45 6.83 5.87 27.80
CA SER B 45 5.74 6.07 28.74
C SER B 45 6.01 5.36 30.05
N TRP B 46 6.47 4.10 29.99
CA TRP B 46 6.79 3.38 31.21
C TRP B 46 7.90 4.08 31.99
N GLU B 47 8.95 4.53 31.30
CA GLU B 47 10.06 5.17 31.99
C GLU B 47 9.64 6.50 32.63
N ILE B 48 8.84 7.30 31.91
CA ILE B 48 8.36 8.56 32.46
C ILE B 48 7.46 8.32 33.66
N ASP B 49 6.60 7.30 33.59
CA ASP B 49 5.77 6.96 34.73
C ASP B 49 6.62 6.58 35.93
N ASP B 50 7.67 5.79 35.70
CA ASP B 50 8.51 5.34 36.81
C ASP B 50 9.41 6.45 37.35
N GLN B 51 9.67 7.49 36.55
CA GLN B 51 10.66 8.50 36.93
C GLN B 51 10.05 9.68 37.69
N VAL B 52 9.14 10.41 37.06
CA VAL B 52 8.67 11.67 37.63
C VAL B 52 7.38 11.47 38.44
N GLY B 53 6.42 10.73 37.91
CA GLY B 53 5.17 10.50 38.60
C GLY B 53 4.01 10.51 37.63
N ILE B 54 2.81 10.69 38.17
CA ILE B 54 1.58 10.70 37.38
C ILE B 54 0.91 12.07 37.41
N GLU B 55 1.60 13.10 37.85
CA GLU B 55 1.05 14.45 37.87
C GLU B 55 1.90 15.43 37.08
N VAL B 56 3.23 15.31 37.15
CA VAL B 56 4.10 16.17 36.35
C VAL B 56 3.98 15.81 34.87
N ARG B 57 3.87 14.52 34.56
CA ARG B 57 3.76 14.10 33.17
C ARG B 57 2.48 14.62 32.53
N ASN B 58 1.42 14.82 33.31
CA ASN B 58 0.20 15.41 32.76
C ASN B 58 0.45 16.84 32.30
N GLU B 59 1.15 17.64 33.11
CA GLU B 59 1.49 18.99 32.70
C GLU B 59 2.43 18.99 31.49
N LEU B 60 3.39 18.06 31.48
CA LEU B 60 4.29 17.95 30.33
C LEU B 60 3.52 17.63 29.05
N LEU B 61 2.56 16.70 29.13
CA LEU B 61 1.78 16.34 27.96
C LEU B 61 0.87 17.48 27.53
N ARG B 62 0.32 18.23 28.48
CA ARG B 62 -0.48 19.39 28.13
C ARG B 62 0.35 20.44 27.40
N GLU B 63 1.58 20.68 27.88
CA GLU B 63 2.47 21.61 27.20
C GLU B 63 2.84 21.11 25.80
N VAL B 64 3.06 19.80 25.67
CA VAL B 64 3.37 19.21 24.37
C VAL B 64 2.20 19.42 23.41
N GLY B 65 0.98 19.18 23.88
CA GLY B 65 -0.18 19.40 23.04
C GLY B 65 -0.37 20.85 22.66
N ARG B 66 -0.11 21.76 23.60
CA ARG B 66 -0.19 23.19 23.30
C ARG B 66 0.82 23.59 22.25
N GLY B 67 2.04 23.06 22.33
CA GLY B 67 3.02 23.32 21.29
C GLY B 67 2.65 22.71 19.96
N MET B 68 2.04 21.51 19.98
CA MET B 68 1.58 20.87 18.76
C MET B 68 0.49 21.69 18.08
N GLY B 69 -0.39 22.32 18.86
CA GLY B 69 -1.45 23.14 18.31
C GLY B 69 -0.97 24.36 17.56
N THR B 70 0.30 24.74 17.72
CA THR B 70 0.87 25.88 17.01
C THR B 70 1.33 25.52 15.60
N ARG B 71 1.72 24.26 15.36
CA ARG B 71 2.19 23.87 14.04
C ARG B 71 1.03 23.80 13.04
N ILE B 72 -0.10 23.22 13.44
CA ILE B 72 -1.26 23.08 12.56
C ILE B 72 -2.44 23.80 13.21
N MET B 73 -3.11 24.64 12.43
N MET B 73 -3.09 24.66 12.45
CA MET B 73 -4.22 25.44 12.91
CA MET B 73 -4.23 25.42 12.94
C MET B 73 -5.38 25.38 11.93
C MET B 73 -5.37 25.37 11.94
N PRO B 74 -6.61 25.48 12.40
CA PRO B 74 -7.76 25.53 11.50
C PRO B 74 -8.05 26.96 11.08
N PRO B 75 -8.67 27.15 9.92
CA PRO B 75 -9.05 28.51 9.51
C PRO B 75 -10.15 29.05 10.42
N PRO B 76 -10.24 30.38 10.56
CA PRO B 76 -11.28 30.95 11.43
C PRO B 76 -12.68 30.68 10.88
N CYS B 77 -13.50 30.01 11.70
CA CYS B 77 -14.85 29.63 11.33
C CYS B 77 -15.87 30.40 12.16
N GLN B 78 -17.09 30.47 11.65
CA GLN B 78 -18.16 31.24 12.28
C GLN B 78 -19.21 30.36 12.96
N THR B 79 -19.39 29.12 12.52
CA THR B 79 -20.41 28.23 13.06
C THR B 79 -19.76 26.96 13.59
N VAL B 80 -20.54 26.22 14.39
CA VAL B 80 -20.03 25.01 15.02
C VAL B 80 -19.80 23.91 13.99
N ASP B 81 -20.69 23.79 13.01
CA ASP B 81 -20.57 22.72 12.02
C ASP B 81 -19.32 22.90 11.16
N LYS B 82 -19.04 24.13 10.74
CA LYS B 82 -17.83 24.39 9.96
C LYS B 82 -16.58 24.10 10.78
N LEU B 83 -16.60 24.46 12.07
CA LEU B 83 -15.49 24.15 12.96
C LEU B 83 -15.29 22.65 13.07
N GLN B 84 -16.40 21.90 13.20
CA GLN B 84 -16.31 20.45 13.28
C GLN B 84 -15.70 19.87 12.01
N ILE B 85 -16.12 20.36 10.85
CA ILE B 85 -15.59 19.84 9.58
C ILE B 85 -14.10 20.14 9.48
N GLU B 86 -13.69 21.36 9.83
CA GLU B 86 -12.29 21.73 9.71
C GLU B 86 -11.42 20.94 10.69
N LEU B 87 -11.88 20.76 11.94
CA LEU B 87 -11.13 19.95 12.89
C LEU B 87 -11.06 18.49 12.48
N ASN B 88 -12.14 17.95 11.90
CA ASN B 88 -12.09 16.58 11.40
C ASN B 88 -11.08 16.44 10.26
N ALA B 89 -11.03 17.42 9.35
CA ALA B 89 -10.03 17.38 8.29
C ALA B 89 -8.62 17.46 8.85
N LEU B 90 -8.41 18.34 9.84
CA LEU B 90 -7.09 18.45 10.46
C LEU B 90 -6.67 17.16 11.14
N LEU B 91 -7.61 16.52 11.85
CA LEU B 91 -7.30 15.25 12.51
C LEU B 91 -7.02 14.15 11.49
N ALA B 92 -7.79 14.09 10.40
CA ALA B 92 -7.55 13.11 9.37
C ALA B 92 -6.24 13.34 8.64
N LEU B 93 -5.74 14.58 8.65
CA LEU B 93 -4.42 14.84 8.07
C LEU B 93 -3.33 14.02 8.75
N ILE B 94 -3.46 13.78 10.05
CA ILE B 94 -2.48 12.99 10.79
C ILE B 94 -3.02 11.64 11.25
N GLY B 95 -4.34 11.44 11.25
CA GLY B 95 -4.90 10.15 11.60
C GLY B 95 -5.03 9.87 13.08
N TRP B 96 -5.41 10.86 13.88
CA TRP B 96 -5.53 10.67 15.33
C TRP B 96 -6.96 10.45 15.78
N GLY B 97 -7.89 10.23 14.86
CA GLY B 97 -9.26 9.92 15.25
C GLY B 97 -10.30 10.84 14.65
N THR B 98 -11.44 10.98 15.33
CA THR B 98 -12.52 11.84 14.88
C THR B 98 -13.05 12.64 16.05
N VAL B 99 -13.70 13.78 15.75
CA VAL B 99 -14.19 14.69 16.78
C VAL B 99 -15.65 15.01 16.50
N THR B 100 -16.38 15.32 17.57
CA THR B 100 -17.78 15.72 17.49
C THR B 100 -18.02 16.81 18.53
N LEU B 101 -18.44 17.98 18.06
CA LEU B 101 -18.71 19.12 18.94
C LEU B 101 -20.21 19.36 19.04
N GLU B 102 -20.68 19.67 20.25
CA GLU B 102 -22.10 19.94 20.46
C GLU B 102 -22.24 21.01 21.53
N LEU B 103 -23.12 21.99 21.30
CA LEU B 103 -23.24 23.15 22.17
C LEU B 103 -24.47 22.96 23.06
N LEU B 104 -24.24 22.97 24.37
CA LEU B 104 -25.31 22.96 25.37
C LEU B 104 -25.75 24.41 25.60
N SER B 105 -26.99 24.73 25.23
CA SER B 105 -27.50 26.09 25.36
C SER B 105 -27.94 26.40 26.78
N GLU B 106 -27.98 25.41 27.67
CA GLU B 106 -28.41 25.63 29.04
C GLU B 106 -27.49 26.61 29.75
N ASP B 107 -26.18 26.44 29.57
CA ASP B 107 -25.18 27.34 30.15
C ASP B 107 -24.14 27.74 29.11
N GLN B 108 -24.49 27.62 27.83
CA GLN B 108 -23.62 27.99 26.71
C GLN B 108 -22.28 27.27 26.80
N SER B 109 -22.33 25.97 27.11
CA SER B 109 -21.13 25.15 27.20
C SER B 109 -20.90 24.38 25.91
N LEU B 110 -19.69 23.84 25.77
CA LEU B 110 -19.31 23.08 24.59
C LEU B 110 -18.83 21.69 25.03
N ARG B 111 -19.42 20.66 24.44
CA ARG B 111 -19.06 19.29 24.72
C ARG B 111 -18.34 18.70 23.50
N ILE B 112 -17.19 18.09 23.74
CA ILE B 112 -16.34 17.54 22.69
C ILE B 112 -16.20 16.04 22.94
N VAL B 113 -16.49 15.24 21.93
CA VAL B 113 -16.34 13.79 22.00
C VAL B 113 -15.30 13.39 20.97
N HIS B 114 -14.23 12.75 21.43
CA HIS B 114 -13.14 12.30 20.57
C HIS B 114 -13.18 10.78 20.50
N GLU B 115 -13.04 10.25 19.28
CA GLU B 115 -13.13 8.81 19.04
C GLU B 115 -11.89 8.32 18.32
N ASN B 116 -11.52 7.07 18.59
CA ASN B 116 -10.37 6.40 18.00
C ASN B 116 -9.07 7.10 18.40
N LEU B 117 -8.85 7.23 19.70
CA LEU B 117 -7.58 7.72 20.21
C LEU B 117 -6.49 6.67 19.99
N PRO B 118 -5.29 7.09 19.57
CA PRO B 118 -4.19 6.13 19.47
C PRO B 118 -3.86 5.51 20.82
N GLN B 119 -3.52 4.23 20.81
CA GLN B 119 -3.22 3.48 22.02
C GLN B 119 -1.74 3.10 22.02
N VAL B 120 -1.04 3.48 23.09
CA VAL B 120 0.36 3.13 23.27
C VAL B 120 0.53 2.50 24.65
N GLY B 121 0.97 1.25 24.68
CA GLY B 121 1.18 0.58 25.95
C GLY B 121 -0.12 0.33 26.71
N SER B 122 0.03 0.23 28.03
CA SER B 122 -1.10 0.02 28.93
C SER B 122 -1.09 0.99 30.10
N ALA B 123 -0.50 2.17 29.92
CA ALA B 123 -0.42 3.16 30.98
C ALA B 123 -1.54 4.18 30.86
N GLY B 124 -1.82 4.84 31.98
CA GLY B 124 -2.87 5.84 32.05
C GLY B 124 -4.06 5.36 32.86
N GLU B 125 -4.93 6.30 33.18
CA GLU B 125 -6.15 6.03 33.94
C GLU B 125 -7.37 6.44 33.11
N PRO B 126 -8.10 5.49 32.51
CA PRO B 126 -7.85 4.04 32.56
C PRO B 126 -6.72 3.60 31.62
N SER B 127 -6.37 2.32 31.68
CA SER B 127 -5.27 1.81 30.87
C SER B 127 -5.56 2.00 29.39
N GLY B 128 -4.55 2.47 28.65
CA GLY B 128 -4.66 2.73 27.24
C GLY B 128 -4.87 4.19 26.88
N THR B 129 -5.30 5.01 27.83
CA THR B 129 -5.53 6.44 27.59
C THR B 129 -4.36 7.20 28.22
N TRP B 130 -3.27 7.31 27.45
CA TRP B 130 -2.08 8.01 27.89
C TRP B 130 -1.90 9.37 27.22
N LEU B 131 -2.57 9.61 26.10
CA LEU B 131 -2.41 10.85 25.34
C LEU B 131 -3.63 11.76 25.45
N ALA B 132 -4.31 11.75 26.60
CA ALA B 132 -5.50 12.57 26.81
C ALA B 132 -5.16 14.03 27.10
N PRO B 133 -4.17 14.34 27.96
CA PRO B 133 -3.81 15.76 28.13
C PRO B 133 -3.36 16.42 26.85
N VAL B 134 -2.75 15.66 25.93
CA VAL B 134 -2.39 16.21 24.63
C VAL B 134 -3.63 16.68 23.90
N LEU B 135 -4.69 15.87 23.90
CA LEU B 135 -5.95 16.28 23.29
C LEU B 135 -6.54 17.49 24.02
N GLU B 136 -6.46 17.51 25.34
CA GLU B 136 -6.98 18.65 26.09
C GLU B 136 -6.32 19.94 25.64
N GLY B 137 -4.99 19.98 25.63
CA GLY B 137 -4.29 21.18 25.22
C GLY B 137 -4.54 21.53 23.76
N LEU B 138 -4.52 20.52 22.89
CA LEU B 138 -4.72 20.76 21.46
C LEU B 138 -6.09 21.37 21.18
N TYR B 139 -7.14 20.78 21.77
CA TYR B 139 -8.48 21.28 21.54
C TYR B 139 -8.66 22.65 22.17
N GLY B 140 -8.08 22.87 23.36
CA GLY B 140 -8.14 24.19 23.96
C GLY B 140 -7.55 25.26 23.07
N ARG B 141 -6.35 24.99 22.53
CA ARG B 141 -5.72 25.96 21.63
C ARG B 141 -6.58 26.17 20.38
N TRP B 142 -7.01 25.07 19.75
CA TRP B 142 -7.72 25.17 18.48
C TRP B 142 -9.02 25.95 18.61
N VAL B 143 -9.78 25.70 19.69
CA VAL B 143 -11.07 26.35 19.83
C VAL B 143 -10.92 27.76 20.38
N THR B 144 -10.08 27.94 21.40
CA THR B 144 -9.90 29.26 21.99
C THR B 144 -9.28 30.24 21.00
N SER B 145 -8.52 29.73 20.02
CA SER B 145 -7.94 30.63 19.02
C SER B 145 -9.02 31.37 18.24
N GLN B 146 -10.10 30.68 17.88
CA GLN B 146 -11.21 31.31 17.18
C GLN B 146 -12.14 32.03 18.15
N ALA B 149 -17.97 28.09 19.84
CA ALA B 149 -16.59 28.45 19.54
C ALA B 149 -16.05 29.42 20.58
N PHE B 150 -16.22 30.72 20.31
CA PHE B 150 -15.79 31.79 21.21
C PHE B 150 -14.27 31.78 21.40
N GLY B 151 -13.77 32.63 22.30
CA GLY B 151 -12.35 32.71 22.52
C GLY B 151 -11.94 32.84 23.98
N ASP B 152 -12.80 32.36 24.88
CA ASP B 152 -12.51 32.40 26.32
C ASP B 152 -13.15 31.16 26.95
N TYR B 153 -12.35 30.10 27.07
CA TYR B 153 -12.83 28.83 27.60
C TYR B 153 -11.66 28.05 28.18
N VAL B 154 -11.99 27.07 29.02
CA VAL B 154 -11.00 26.18 29.62
C VAL B 154 -11.44 24.75 29.39
N VAL B 155 -10.48 23.83 29.41
CA VAL B 155 -10.71 22.42 29.15
C VAL B 155 -10.64 21.65 30.46
N THR B 156 -11.68 20.87 30.75
CA THR B 156 -11.72 19.99 31.91
C THR B 156 -12.20 18.63 31.47
N ARG B 157 -11.34 17.62 31.58
CA ARG B 157 -11.71 16.26 31.18
C ARG B 157 -12.78 15.70 32.11
N ASP B 158 -13.78 15.06 31.51
CA ASP B 158 -14.89 14.46 32.25
C ASP B 158 -14.57 12.97 32.45
N VAL B 159 -13.99 12.64 33.60
CA VAL B 159 -13.64 11.27 33.90
C VAL B 159 -14.11 10.90 35.30
N ALA B 166 -20.37 4.05 30.30
CA ALA B 166 -20.33 2.87 29.45
C ALA B 166 -19.68 3.20 28.10
N VAL B 167 -18.91 4.28 28.08
CA VAL B 167 -18.22 4.72 26.87
C VAL B 167 -17.08 3.75 26.57
N PRO B 168 -16.67 3.60 25.32
CA PRO B 168 -15.54 2.72 25.00
C PRO B 168 -14.24 3.20 25.64
N ARG B 169 -13.22 2.36 25.52
CA ARG B 169 -11.93 2.66 26.14
C ARG B 169 -11.25 3.85 25.48
N GLN B 170 -11.41 4.02 24.18
CA GLN B 170 -10.69 5.02 23.42
C GLN B 170 -11.50 6.30 23.21
N THR B 171 -12.63 6.44 23.87
CA THR B 171 -13.47 7.63 23.75
C THR B 171 -13.21 8.56 24.92
N ILE B 172 -12.95 9.83 24.62
CA ILE B 172 -12.63 10.85 25.61
C ILE B 172 -13.66 11.96 25.50
N ILE B 173 -14.22 12.37 26.64
CA ILE B 173 -15.24 13.42 26.71
C ILE B 173 -14.66 14.60 27.46
N MET B 174 -14.73 15.79 26.86
CA MET B 174 -14.22 17.01 27.47
C MET B 174 -15.29 18.08 27.42
N TYR B 175 -15.20 19.02 28.36
CA TYR B 175 -16.13 20.12 28.49
C TYR B 175 -15.39 21.44 28.43
N MET B 176 -15.98 22.43 27.75
CA MET B 176 -15.41 23.77 27.64
C MET B 176 -16.38 24.77 28.27
N ARG B 177 -16.03 25.22 29.48
CA ARG B 177 -16.81 26.21 30.21
C ARG B 177 -15.94 27.42 30.54
N VAL B 178 -16.56 28.58 30.62
CA VAL B 178 -15.84 29.82 30.90
C VAL B 178 -15.51 29.93 32.38
N LYS C 33 8.89 -6.84 -4.25
CA LYS C 33 7.75 -7.47 -3.58
C LYS C 33 8.22 -8.31 -2.40
N LYS C 34 7.51 -8.20 -1.28
CA LYS C 34 7.84 -9.01 -0.11
C LYS C 34 7.52 -10.47 -0.39
N PRO C 35 8.44 -11.40 -0.08
CA PRO C 35 8.21 -12.81 -0.39
C PRO C 35 6.99 -13.36 0.34
N ASP C 36 6.30 -14.30 -0.32
CA ASP C 36 5.13 -14.97 0.22
C ASP C 36 5.48 -16.41 0.56
N PHE C 37 5.17 -16.83 1.79
CA PHE C 37 5.54 -18.13 2.29
C PHE C 37 4.36 -19.06 2.49
N THR C 38 3.18 -18.71 1.95
CA THR C 38 1.98 -19.50 2.21
C THR C 38 2.08 -20.88 1.54
N LEU C 39 2.42 -20.91 0.25
CA LEU C 39 2.52 -22.18 -0.46
C LEU C 39 3.62 -23.05 0.11
N PHE C 40 4.75 -22.44 0.48
CA PHE C 40 5.84 -23.19 1.10
C PHE C 40 5.38 -23.81 2.41
N LEU C 41 4.64 -23.07 3.22
CA LEU C 41 4.16 -23.62 4.49
C LEU C 41 3.14 -24.73 4.25
N GLN C 42 2.28 -24.59 3.24
CA GLN C 42 1.33 -25.66 2.94
C GLN C 42 2.06 -26.94 2.55
N THR C 43 3.03 -26.83 1.64
CA THR C 43 3.78 -28.01 1.22
C THR C 43 4.56 -28.62 2.37
N LEU C 44 5.19 -27.77 3.21
CA LEU C 44 5.93 -28.26 4.36
C LEU C 44 5.01 -28.98 5.34
N SER C 45 3.82 -28.43 5.58
CA SER C 45 2.87 -29.08 6.48
C SER C 45 2.46 -30.45 5.95
N TRP C 46 2.17 -30.53 4.64
CA TRP C 46 1.81 -31.81 4.06
C TRP C 46 2.96 -32.82 4.19
N GLU C 47 4.18 -32.38 3.90
CA GLU C 47 5.32 -33.29 3.97
C GLU C 47 5.57 -33.77 5.40
N ILE C 48 5.49 -32.86 6.37
CA ILE C 48 5.69 -33.23 7.77
C ILE C 48 4.61 -34.19 8.23
N ASP C 49 3.36 -33.95 7.81
CA ASP C 49 2.28 -34.88 8.14
C ASP C 49 2.55 -36.26 7.55
N ASP C 50 3.04 -36.31 6.32
CA ASP C 50 3.29 -37.60 5.67
C ASP C 50 4.52 -38.32 6.21
N GLN C 51 5.47 -37.59 6.81
CA GLN C 51 6.73 -38.21 7.20
C GLN C 51 6.73 -38.72 8.64
N VAL C 52 6.56 -37.82 9.60
CA VAL C 52 6.75 -38.18 11.01
C VAL C 52 5.46 -38.66 11.66
N GLY C 53 4.34 -37.99 11.40
CA GLY C 53 3.08 -38.38 11.97
C GLY C 53 2.31 -37.17 12.45
N ILE C 54 1.33 -37.41 13.32
CA ILE C 54 0.47 -36.36 13.85
C ILE C 54 0.66 -36.17 15.34
N GLU C 55 1.71 -36.74 15.92
CA GLU C 55 2.01 -36.59 17.34
C GLU C 55 3.39 -36.00 17.59
N VAL C 56 4.39 -36.38 16.79
CA VAL C 56 5.72 -35.78 16.93
C VAL C 56 5.69 -34.33 16.47
N ARG C 57 4.94 -34.04 15.40
CA ARG C 57 4.87 -32.67 14.90
C ARG C 57 4.23 -31.73 15.91
N ASN C 58 3.35 -32.24 16.77
CA ASN C 58 2.79 -31.39 17.82
C ASN C 58 3.86 -30.96 18.81
N GLU C 59 4.72 -31.88 19.22
CA GLU C 59 5.83 -31.51 20.10
C GLU C 59 6.81 -30.57 19.40
N LEU C 60 7.06 -30.81 18.12
CA LEU C 60 7.94 -29.92 17.35
C LEU C 60 7.36 -28.51 17.30
N LEU C 61 6.07 -28.38 17.06
CA LEU C 61 5.44 -27.07 16.99
C LEU C 61 5.41 -26.40 18.37
N ARG C 62 5.20 -27.18 19.43
CA ARG C 62 5.26 -26.61 20.77
C ARG C 62 6.65 -26.08 21.08
N GLU C 63 7.70 -26.82 20.70
CA GLU C 63 9.06 -26.33 20.91
C GLU C 63 9.34 -25.09 20.07
N VAL C 64 8.83 -25.05 18.84
CA VAL C 64 8.99 -23.87 17.99
C VAL C 64 8.32 -22.67 18.63
N GLY C 65 7.11 -22.83 19.15
CA GLY C 65 6.43 -21.73 19.82
C GLY C 65 7.15 -21.28 21.08
N ARG C 66 7.68 -22.23 21.85
CA ARG C 66 8.44 -21.86 23.04
C ARG C 66 9.69 -21.08 22.68
N GLY C 67 10.37 -21.47 21.61
CA GLY C 67 11.52 -20.69 21.14
C GLY C 67 11.12 -19.32 20.62
N MET C 68 9.97 -19.24 19.95
CA MET C 68 9.46 -17.95 19.48
C MET C 68 9.15 -17.02 20.63
N GLY C 69 8.63 -17.55 21.73
CA GLY C 69 8.31 -16.74 22.90
C GLY C 69 9.50 -16.08 23.56
N THR C 70 10.72 -16.51 23.23
CA THR C 70 11.92 -15.90 23.78
C THR C 70 12.34 -14.65 23.01
N ARG C 71 12.10 -14.60 21.70
CA ARG C 71 12.51 -13.44 20.91
C ARG C 71 11.73 -12.20 21.30
N ILE C 72 10.42 -12.32 21.56
CA ILE C 72 9.58 -11.20 21.93
C ILE C 72 8.86 -11.55 23.23
N MET C 73 8.92 -10.64 24.20
N MET C 73 8.95 -10.66 24.22
CA MET C 73 8.31 -10.81 25.50
CA MET C 73 8.27 -10.85 25.48
C MET C 73 7.54 -9.56 25.88
C MET C 73 7.53 -9.57 25.89
N PRO C 74 6.45 -9.70 26.65
CA PRO C 74 5.74 -8.53 27.14
C PRO C 74 6.37 -8.01 28.42
N PRO C 75 6.17 -6.74 28.76
CA PRO C 75 6.68 -6.23 30.02
C PRO C 75 5.93 -6.84 31.19
N PRO C 76 6.54 -6.91 32.37
CA PRO C 76 5.85 -7.49 33.53
C PRO C 76 4.67 -6.64 33.96
N CYS C 77 3.49 -7.27 33.99
CA CYS C 77 2.25 -6.60 34.33
C CYS C 77 1.69 -7.16 35.64
N GLN C 78 0.85 -6.36 36.28
CA GLN C 78 0.28 -6.70 37.58
C GLN C 78 -1.18 -7.13 37.52
N THR C 79 -1.93 -6.70 36.50
CA THR C 79 -3.33 -7.01 36.39
C THR C 79 -3.61 -7.74 35.08
N VAL C 80 -4.79 -8.34 34.99
CA VAL C 80 -5.16 -9.12 33.81
C VAL C 80 -5.39 -8.21 32.62
N ASP C 81 -6.01 -7.04 32.84
CA ASP C 81 -6.32 -6.15 31.73
C ASP C 81 -5.06 -5.61 31.08
N LYS C 82 -4.08 -5.22 31.89
CA LYS C 82 -2.81 -4.74 31.34
C LYS C 82 -2.11 -5.84 30.56
N LEU C 83 -2.15 -7.07 31.07
CA LEU C 83 -1.58 -8.21 30.35
C LEU C 83 -2.28 -8.41 29.02
N GLN C 84 -3.61 -8.28 29.00
CA GLN C 84 -4.37 -8.42 27.76
C GLN C 84 -3.95 -7.36 26.75
N ILE C 85 -3.82 -6.11 27.21
CA ILE C 85 -3.44 -5.02 26.31
C ILE C 85 -2.04 -5.27 25.74
N GLU C 86 -1.10 -5.66 26.60
CA GLU C 86 0.27 -5.89 26.14
C GLU C 86 0.36 -7.05 25.17
N LEU C 87 -0.34 -8.16 25.46
CA LEU C 87 -0.34 -9.29 24.54
C LEU C 87 -1.03 -8.95 23.22
N ASN C 88 -2.09 -8.15 23.24
CA ASN C 88 -2.72 -7.71 22.01
C ASN C 88 -1.77 -6.85 21.17
N ALA C 89 -1.02 -5.95 21.82
CA ALA C 89 -0.04 -5.15 21.10
C ALA C 89 1.05 -6.03 20.50
N LEU C 90 1.53 -7.02 21.27
CA LEU C 90 2.56 -7.91 20.76
C LEU C 90 2.06 -8.73 19.57
N LEU C 91 0.82 -9.21 19.64
CA LEU C 91 0.25 -9.96 18.52
C LEU C 91 0.05 -9.07 17.30
N ALA C 92 -0.42 -7.84 17.50
CA ALA C 92 -0.58 -6.91 16.39
C ALA C 92 0.74 -6.50 15.78
N LEU C 93 1.83 -6.59 16.54
CA LEU C 93 3.15 -6.33 15.96
C LEU C 93 3.47 -7.28 14.81
N ILE C 94 2.98 -8.51 14.88
CA ILE C 94 3.20 -9.50 13.82
C ILE C 94 1.92 -9.85 13.07
N GLY C 95 0.74 -9.53 13.61
CA GLY C 95 -0.50 -9.79 12.91
C GLY C 95 -1.00 -11.21 12.95
N TRP C 96 -0.93 -11.87 14.10
CA TRP C 96 -1.36 -13.26 14.22
C TRP C 96 -2.73 -13.41 14.86
N GLY C 97 -3.48 -12.30 15.01
CA GLY C 97 -4.83 -12.36 15.52
C GLY C 97 -5.01 -11.49 16.76
N THR C 98 -5.99 -11.86 17.58
CA THR C 98 -6.30 -11.12 18.81
C THR C 98 -6.51 -12.11 19.94
N VAL C 99 -6.34 -11.64 21.18
CA VAL C 99 -6.44 -12.49 22.34
C VAL C 99 -7.41 -11.88 23.34
N THR C 100 -8.01 -12.74 24.17
CA THR C 100 -8.91 -12.32 25.23
C THR C 100 -8.70 -13.23 26.43
N LEU C 101 -8.28 -12.64 27.55
CA LEU C 101 -8.03 -13.39 28.78
C LEU C 101 -9.13 -13.11 29.80
N GLU C 102 -9.59 -14.16 30.48
CA GLU C 102 -10.62 -14.01 31.49
C GLU C 102 -10.36 -15.02 32.61
N LEU C 103 -10.49 -14.56 33.86
CA LEU C 103 -10.11 -15.36 35.01
C LEU C 103 -11.37 -15.94 35.65
N LEU C 104 -11.41 -17.27 35.75
CA LEU C 104 -12.46 -17.97 36.49
C LEU C 104 -12.05 -18.05 37.95
N SER C 105 -12.83 -17.41 38.83
CA SER C 105 -12.51 -17.39 40.24
C SER C 105 -12.97 -18.64 40.98
N GLU C 106 -13.70 -19.54 40.32
CA GLU C 106 -14.15 -20.76 40.97
C GLU C 106 -12.96 -21.62 41.41
N ASP C 107 -11.95 -21.74 40.55
CA ASP C 107 -10.74 -22.48 40.86
C ASP C 107 -9.50 -21.70 40.45
N GLN C 108 -9.63 -20.38 40.32
CA GLN C 108 -8.52 -19.49 39.97
C GLN C 108 -7.87 -19.91 38.66
N SER C 109 -8.68 -20.28 37.69
CA SER C 109 -8.18 -20.68 36.38
C SER C 109 -8.17 -19.49 35.42
N LEU C 110 -7.46 -19.66 34.31
CA LEU C 110 -7.37 -18.63 33.29
C LEU C 110 -7.84 -19.20 31.96
N ARG C 111 -8.76 -18.51 31.30
CA ARG C 111 -9.28 -18.90 30.00
C ARG C 111 -8.81 -17.91 28.95
N ILE C 112 -8.24 -18.44 27.88
CA ILE C 112 -7.67 -17.64 26.80
C ILE C 112 -8.42 -17.97 25.51
N VAL C 113 -8.94 -16.94 24.84
CA VAL C 113 -9.63 -17.09 23.58
C VAL C 113 -8.82 -16.34 22.51
N HIS C 114 -8.40 -17.07 21.48
CA HIS C 114 -7.61 -16.50 20.40
C HIS C 114 -8.46 -16.46 19.13
N GLU C 115 -8.46 -15.32 18.46
CA GLU C 115 -9.28 -15.10 17.27
C GLU C 115 -8.40 -14.72 16.10
N ASN C 116 -8.85 -15.11 14.90
CA ASN C 116 -8.15 -14.83 13.64
C ASN C 116 -6.79 -15.51 13.60
N LEU C 117 -6.79 -16.83 13.78
CA LEU C 117 -5.59 -17.62 13.60
C LEU C 117 -5.23 -17.68 12.11
N PRO C 118 -3.94 -17.55 11.78
CA PRO C 118 -3.53 -17.74 10.37
C PRO C 118 -3.85 -19.14 9.89
N GLN C 119 -4.27 -19.24 8.63
CA GLN C 119 -4.65 -20.51 8.04
C GLN C 119 -3.66 -20.87 6.94
N VAL C 120 -3.07 -22.06 7.04
CA VAL C 120 -2.16 -22.57 6.02
C VAL C 120 -2.62 -23.98 5.64
N GLY C 121 -2.95 -24.17 4.37
CA GLY C 121 -3.37 -25.47 3.89
C GLY C 121 -4.70 -25.90 4.48
N SER C 122 -4.88 -27.23 4.53
CA SER C 122 -6.09 -27.83 5.09
C SER C 122 -5.75 -28.95 6.07
N ALA C 123 -4.59 -28.87 6.72
CA ALA C 123 -4.16 -29.89 7.66
C ALA C 123 -4.50 -29.49 9.09
N GLY C 124 -4.55 -30.48 9.96
CA GLY C 124 -4.86 -30.28 11.36
C GLY C 124 -6.25 -30.80 11.71
N GLU C 125 -6.50 -30.87 13.02
CA GLU C 125 -7.77 -31.32 13.56
C GLU C 125 -8.38 -30.22 14.43
N PRO C 126 -9.40 -29.49 13.92
CA PRO C 126 -10.00 -29.62 12.59
C PRO C 126 -9.15 -29.00 11.49
N SER C 127 -9.58 -29.17 10.24
CA SER C 127 -8.82 -28.67 9.10
C SER C 127 -8.64 -27.16 9.19
N GLY C 128 -7.41 -26.71 8.96
CA GLY C 128 -7.06 -25.31 9.01
C GLY C 128 -6.38 -24.87 10.30
N THR C 129 -6.52 -25.64 11.37
CA THR C 129 -5.89 -25.31 12.65
C THR C 129 -4.61 -26.15 12.79
N TRP C 130 -3.57 -25.71 12.08
CA TRP C 130 -2.29 -26.39 12.10
C TRP C 130 -1.28 -25.73 13.03
N LEU C 131 -1.48 -24.47 13.39
CA LEU C 131 -0.54 -23.72 14.22
C LEU C 131 -1.05 -23.51 15.63
N ALA C 132 -1.80 -24.47 16.17
CA ALA C 132 -2.35 -24.37 17.51
C ALA C 132 -1.33 -24.69 18.59
N PRO C 133 -0.51 -25.75 18.46
CA PRO C 133 0.54 -25.97 19.46
C PRO C 133 1.52 -24.82 19.58
N VAL C 134 1.76 -24.09 18.49
CA VAL C 134 2.60 -22.90 18.55
C VAL C 134 2.00 -21.88 19.49
N LEU C 135 0.69 -21.64 19.38
CA LEU C 135 0.01 -20.73 20.30
C LEU C 135 0.05 -21.26 21.72
N GLU C 136 -0.12 -22.57 21.89
CA GLU C 136 -0.06 -23.15 23.23
C GLU C 136 1.26 -22.85 23.91
N GLY C 137 2.38 -23.14 23.23
CA GLY C 137 3.68 -22.87 23.81
C GLY C 137 3.94 -21.40 24.01
N LEU C 138 3.55 -20.56 23.04
CA LEU C 138 3.78 -19.13 23.13
C LEU C 138 3.04 -18.53 24.33
N TYR C 139 1.76 -18.86 24.47
CA TYR C 139 0.97 -18.32 25.57
C TYR C 139 1.46 -18.87 26.90
N GLY C 140 1.85 -20.15 26.95
CA GLY C 140 2.41 -20.69 28.18
C GLY C 140 3.64 -19.93 28.62
N ARG C 141 4.57 -19.70 27.69
CA ARG C 141 5.77 -18.93 28.03
C ARG C 141 5.42 -17.52 28.49
N TRP C 142 4.54 -16.84 27.73
CA TRP C 142 4.24 -15.44 28.01
C TRP C 142 3.57 -15.26 29.36
N VAL C 143 2.66 -16.17 29.72
CA VAL C 143 1.94 -16.03 30.98
C VAL C 143 2.80 -16.52 32.15
N THR C 144 3.44 -17.68 32.00
CA THR C 144 4.23 -18.24 33.09
C THR C 144 5.42 -17.35 33.42
N SER C 145 5.93 -16.60 32.43
CA SER C 145 7.08 -15.73 32.70
C SER C 145 6.74 -14.68 33.75
N GLN C 146 5.54 -14.10 33.68
CA GLN C 146 5.11 -13.12 34.67
C GLN C 146 4.58 -13.81 35.93
N ALA C 149 -2.64 -14.22 36.04
CA ALA C 149 -1.26 -14.24 35.57
C ALA C 149 -0.46 -15.35 36.25
N PHE C 150 0.16 -15.01 37.38
CA PHE C 150 0.94 -15.94 38.18
C PHE C 150 2.12 -16.51 37.38
N GLY C 151 2.84 -17.48 37.95
CA GLY C 151 4.00 -18.03 37.30
C GLY C 151 4.12 -19.53 37.42
N ASP C 152 2.99 -20.22 37.61
CA ASP C 152 2.98 -21.68 37.70
C ASP C 152 1.66 -22.18 37.11
N TYR C 153 1.70 -22.52 35.82
CA TYR C 153 0.50 -22.95 35.10
C TYR C 153 0.94 -23.83 33.94
N VAL C 154 -0.03 -24.60 33.42
CA VAL C 154 0.17 -25.42 32.24
C VAL C 154 -0.99 -25.20 31.28
N VAL C 155 -0.69 -25.18 29.99
CA VAL C 155 -1.70 -24.92 28.95
C VAL C 155 -2.21 -26.24 28.41
N THR C 156 -3.53 -26.41 28.38
CA THR C 156 -4.18 -27.58 27.80
C THR C 156 -5.27 -27.10 26.86
N ARG C 157 -5.15 -27.44 25.58
CA ARG C 157 -6.13 -27.03 24.59
C ARG C 157 -7.48 -27.68 24.86
N ASP C 158 -8.54 -26.89 24.75
CA ASP C 158 -9.91 -27.36 24.97
C ASP C 158 -10.52 -27.66 23.61
N VAL C 159 -10.46 -28.92 23.20
CA VAL C 159 -11.00 -29.34 21.92
C VAL C 159 -11.85 -30.61 22.08
N ALA C 166 -19.81 -24.49 18.81
CA ALA C 166 -20.30 -23.64 17.73
C ALA C 166 -19.34 -22.49 17.45
N VAL C 167 -18.11 -22.63 17.94
CA VAL C 167 -17.08 -21.61 17.75
C VAL C 167 -16.62 -21.62 16.30
N PRO C 168 -16.13 -20.51 15.76
CA PRO C 168 -15.64 -20.50 14.38
C PRO C 168 -14.44 -21.42 14.21
N ARG C 169 -14.03 -21.59 12.95
CA ARG C 169 -12.93 -22.49 12.63
C ARG C 169 -11.60 -21.97 13.15
N GLN C 170 -11.39 -20.66 13.14
CA GLN C 170 -10.11 -20.07 13.49
C GLN C 170 -10.03 -19.64 14.96
N THR C 171 -11.04 -19.97 15.76
CA THR C 171 -11.05 -19.63 17.18
C THR C 171 -10.54 -20.80 17.99
N ILE C 172 -9.59 -20.54 18.88
CA ILE C 172 -8.96 -21.56 19.72
C ILE C 172 -9.16 -21.18 21.18
N ILE C 173 -9.58 -22.14 21.99
CA ILE C 173 -9.82 -21.93 23.41
C ILE C 173 -8.81 -22.78 24.19
N MET C 174 -8.10 -22.14 25.11
CA MET C 174 -7.10 -22.81 25.94
C MET C 174 -7.37 -22.50 27.41
N TYR C 175 -6.91 -23.39 28.28
CA TYR C 175 -7.08 -23.25 29.71
C TYR C 175 -5.71 -23.26 30.40
N MET C 176 -5.57 -22.45 31.43
CA MET C 176 -4.32 -22.28 32.17
C MET C 176 -4.59 -22.58 33.65
N ARG C 177 -4.47 -23.86 34.01
CA ARG C 177 -4.70 -24.30 35.38
C ARG C 177 -3.43 -24.89 35.96
N VAL C 178 -3.27 -24.74 37.27
CA VAL C 178 -2.09 -25.25 37.96
C VAL C 178 -2.15 -26.77 38.06
N LYS D 33 4.22 1.83 -11.07
CA LYS D 33 2.83 1.42 -10.89
C LYS D 33 2.53 0.14 -11.66
N LYS D 34 1.81 -0.78 -11.02
CA LYS D 34 1.43 -2.02 -11.69
C LYS D 34 0.41 -1.71 -12.78
N PRO D 35 0.59 -2.27 -13.98
CA PRO D 35 -0.32 -1.96 -15.09
C PRO D 35 -1.75 -2.38 -14.79
N ASP D 36 -2.70 -1.61 -15.31
CA ASP D 36 -4.13 -1.88 -15.16
C ASP D 36 -4.69 -2.33 -16.49
N PHE D 37 -5.40 -3.46 -16.48
CA PHE D 37 -5.91 -4.08 -17.70
C PHE D 37 -7.43 -4.01 -17.82
N THR D 38 -8.09 -3.18 -16.99
CA THR D 38 -9.55 -3.17 -16.98
C THR D 38 -10.11 -2.59 -18.28
N LEU D 39 -9.60 -1.43 -18.70
CA LEU D 39 -10.08 -0.81 -19.93
C LEU D 39 -9.78 -1.68 -21.15
N PHE D 40 -8.59 -2.29 -21.17
CA PHE D 40 -8.23 -3.20 -22.26
C PHE D 40 -9.20 -4.37 -22.33
N LEU D 41 -9.55 -4.95 -21.18
CA LEU D 41 -10.49 -6.08 -21.19
C LEU D 41 -11.88 -5.65 -21.61
N GLN D 42 -12.32 -4.46 -21.19
CA GLN D 42 -13.62 -3.96 -21.62
C GLN D 42 -13.67 -3.79 -23.15
N THR D 43 -12.65 -3.15 -23.71
CA THR D 43 -12.62 -2.94 -25.16
C THR D 43 -12.53 -4.27 -25.90
N LEU D 44 -11.71 -5.19 -25.39
CA LEU D 44 -11.58 -6.50 -26.02
C LEU D 44 -12.90 -7.27 -25.97
N SER D 45 -13.62 -7.20 -24.85
CA SER D 45 -14.90 -7.87 -24.74
C SER D 45 -15.90 -7.29 -25.74
N TRP D 46 -15.95 -5.96 -25.85
CA TRP D 46 -16.85 -5.35 -26.83
C TRP D 46 -16.50 -5.77 -28.25
N GLU D 47 -15.21 -5.76 -28.58
CA GLU D 47 -14.80 -6.12 -29.95
C GLU D 47 -15.10 -7.59 -30.25
N ILE D 48 -14.85 -8.48 -29.30
CA ILE D 48 -15.13 -9.90 -29.51
C ILE D 48 -16.63 -10.12 -29.66
N ASP D 49 -17.44 -9.42 -28.85
CA ASP D 49 -18.88 -9.52 -29.00
C ASP D 49 -19.32 -9.05 -30.39
N ASP D 50 -18.74 -7.96 -30.88
CA ASP D 50 -19.14 -7.43 -32.18
C ASP D 50 -18.63 -8.27 -33.35
N GLN D 51 -17.55 -9.05 -33.16
CA GLN D 51 -16.93 -9.75 -34.29
C GLN D 51 -17.46 -11.16 -34.48
N VAL D 52 -17.28 -12.03 -33.49
CA VAL D 52 -17.57 -13.46 -33.68
C VAL D 52 -19.01 -13.79 -33.29
N GLY D 53 -19.50 -13.26 -32.19
CA GLY D 53 -20.85 -13.53 -31.75
C GLY D 53 -20.89 -13.76 -30.25
N ILE D 54 -21.97 -14.41 -29.80
CA ILE D 54 -22.19 -14.69 -28.40
C ILE D 54 -22.20 -16.19 -28.10
N GLU D 55 -21.77 -17.00 -29.05
CA GLU D 55 -21.69 -18.45 -28.86
C GLU D 55 -20.29 -19.01 -29.06
N VAL D 56 -19.54 -18.48 -30.03
CA VAL D 56 -18.16 -18.90 -30.21
C VAL D 56 -17.30 -18.40 -29.06
N ARG D 57 -17.56 -17.18 -28.58
CA ARG D 57 -16.76 -16.63 -27.48
C ARG D 57 -16.95 -17.44 -26.20
N ASN D 58 -18.11 -18.08 -26.02
CA ASN D 58 -18.29 -18.94 -24.85
C ASN D 58 -17.34 -20.14 -24.91
N GLU D 59 -17.22 -20.77 -26.07
CA GLU D 59 -16.28 -21.87 -26.22
C GLU D 59 -14.85 -21.40 -26.06
N LEU D 60 -14.54 -20.21 -26.60
CA LEU D 60 -13.20 -19.65 -26.43
C LEU D 60 -12.87 -19.43 -24.96
N LEU D 61 -13.82 -18.88 -24.20
CA LEU D 61 -13.59 -18.63 -22.78
C LEU D 61 -13.49 -19.93 -21.99
N ARG D 62 -14.28 -20.94 -22.38
CA ARG D 62 -14.17 -22.24 -21.73
C ARG D 62 -12.79 -22.86 -21.97
N GLU D 63 -12.28 -22.75 -23.20
CA GLU D 63 -10.95 -23.26 -23.49
C GLU D 63 -9.88 -22.47 -22.73
N VAL D 64 -10.06 -21.15 -22.62
CA VAL D 64 -9.12 -20.34 -21.86
C VAL D 64 -9.10 -20.76 -20.39
N GLY D 65 -10.28 -20.99 -19.81
CA GLY D 65 -10.34 -21.44 -18.43
C GLY D 65 -9.74 -22.82 -18.24
N ARG D 66 -9.96 -23.72 -19.20
CA ARG D 66 -9.35 -25.05 -19.12
C ARG D 66 -7.84 -24.97 -19.19
N GLY D 67 -7.30 -24.10 -20.04
CA GLY D 67 -5.87 -23.88 -20.06
C GLY D 67 -5.34 -23.25 -18.79
N MET D 68 -6.11 -22.33 -18.21
CA MET D 68 -5.74 -21.72 -16.94
C MET D 68 -5.68 -22.74 -15.82
N GLY D 69 -6.58 -23.71 -15.84
CA GLY D 69 -6.61 -24.75 -14.81
C GLY D 69 -5.39 -25.64 -14.79
N THR D 70 -4.57 -25.61 -15.85
CA THR D 70 -3.34 -26.39 -15.89
C THR D 70 -2.18 -25.72 -15.18
N ARG D 71 -2.12 -24.38 -15.22
CA ARG D 71 -1.00 -23.67 -14.59
C ARG D 71 -1.02 -23.83 -13.08
N ILE D 72 -2.20 -23.77 -12.45
CA ILE D 72 -2.34 -23.92 -11.01
C ILE D 72 -3.34 -25.02 -10.72
N MET D 73 -2.98 -25.93 -9.83
N MET D 73 -2.96 -25.96 -9.87
CA MET D 73 -3.80 -27.07 -9.45
CA MET D 73 -3.84 -27.04 -9.47
C MET D 73 -3.81 -27.22 -7.94
C MET D 73 -3.81 -27.21 -7.95
N PRO D 74 -4.90 -27.70 -7.37
CA PRO D 74 -4.92 -27.99 -5.93
C PRO D 74 -4.36 -29.36 -5.64
N PRO D 75 -3.87 -29.60 -4.43
CA PRO D 75 -3.40 -30.93 -4.07
C PRO D 75 -4.56 -31.91 -4.00
N PRO D 76 -4.31 -33.20 -4.21
CA PRO D 76 -5.40 -34.18 -4.14
C PRO D 76 -5.97 -34.29 -2.74
N CYS D 77 -7.28 -34.07 -2.63
CA CYS D 77 -7.99 -34.08 -1.36
C CYS D 77 -8.98 -35.24 -1.33
N GLN D 78 -9.34 -35.64 -0.11
CA GLN D 78 -10.23 -36.78 0.11
C GLN D 78 -11.64 -36.38 0.51
N THR D 79 -11.83 -35.21 1.11
CA THR D 79 -13.12 -34.77 1.59
C THR D 79 -13.51 -33.46 0.94
N VAL D 80 -14.79 -33.12 1.04
CA VAL D 80 -15.31 -31.91 0.40
C VAL D 80 -14.78 -30.66 1.10
N ASP D 81 -14.68 -30.70 2.43
CA ASP D 81 -14.24 -29.52 3.18
C ASP D 81 -12.79 -29.18 2.85
N LYS D 82 -11.92 -30.18 2.77
CA LYS D 82 -10.53 -29.93 2.41
C LYS D 82 -10.42 -29.37 1.00
N LEU D 83 -11.24 -29.90 0.08
CA LEU D 83 -11.27 -29.36 -1.28
C LEU D 83 -11.71 -27.91 -1.28
N GLN D 84 -12.72 -27.58 -0.48
CA GLN D 84 -13.19 -26.20 -0.38
C GLN D 84 -12.09 -25.29 0.13
N ILE D 85 -11.37 -25.72 1.16
CA ILE D 85 -10.29 -24.89 1.72
C ILE D 85 -9.19 -24.68 0.68
N GLU D 86 -8.79 -25.75 -0.01
CA GLU D 86 -7.73 -25.63 -1.00
C GLU D 86 -8.14 -24.75 -2.16
N LEU D 87 -9.36 -24.89 -2.66
CA LEU D 87 -9.83 -24.04 -3.75
C LEU D 87 -9.94 -22.59 -3.31
N ASN D 88 -10.38 -22.35 -2.07
CA ASN D 88 -10.42 -20.97 -1.57
C ASN D 88 -9.02 -20.36 -1.48
N ALA D 89 -8.04 -21.14 -1.03
CA ALA D 89 -6.67 -20.63 -1.00
C ALA D 89 -6.16 -20.34 -2.41
N LEU D 90 -6.45 -21.23 -3.36
CA LEU D 90 -6.02 -21.01 -4.74
C LEU D 90 -6.67 -19.76 -5.33
N LEU D 91 -7.95 -19.55 -5.05
CA LEU D 91 -8.63 -18.35 -5.55
C LEU D 91 -8.07 -17.10 -4.90
N ALA D 92 -7.81 -17.14 -3.59
CA ALA D 92 -7.24 -15.99 -2.91
C ALA D 92 -5.83 -15.69 -3.36
N LEU D 93 -5.12 -16.70 -3.90
CA LEU D 93 -3.80 -16.44 -4.48
C LEU D 93 -3.87 -15.44 -5.62
N ILE D 94 -4.96 -15.43 -6.38
CA ILE D 94 -5.13 -14.50 -7.49
C ILE D 94 -6.24 -13.47 -7.23
N GLY D 95 -7.08 -13.67 -6.22
CA GLY D 95 -8.09 -12.70 -5.88
C GLY D 95 -9.30 -12.66 -6.78
N TRP D 96 -9.80 -13.83 -7.22
CA TRP D 96 -10.95 -13.89 -8.10
C TRP D 96 -12.26 -14.19 -7.38
N GLY D 97 -12.26 -14.15 -6.04
CA GLY D 97 -13.49 -14.36 -5.30
C GLY D 97 -13.43 -15.46 -4.28
N THR D 98 -14.58 -16.04 -3.95
CA THR D 98 -14.68 -17.13 -2.99
C THR D 98 -15.59 -18.22 -3.53
N VAL D 99 -15.42 -19.43 -3.03
CA VAL D 99 -16.17 -20.59 -3.52
C VAL D 99 -16.78 -21.32 -2.34
N THR D 100 -17.90 -21.99 -2.60
CA THR D 100 -18.60 -22.81 -1.60
C THR D 100 -19.14 -24.05 -2.30
N LEU D 101 -18.67 -25.22 -1.85
CA LEU D 101 -19.09 -26.50 -2.42
C LEU D 101 -20.03 -27.21 -1.45
N GLU D 102 -21.10 -27.79 -1.98
CA GLU D 102 -22.04 -28.54 -1.15
C GLU D 102 -22.59 -29.71 -1.94
N LEU D 103 -22.64 -30.89 -1.31
CA LEU D 103 -22.98 -32.13 -2.00
C LEU D 103 -24.43 -32.49 -1.71
N LEU D 104 -25.23 -32.60 -2.77
CA LEU D 104 -26.58 -33.14 -2.68
C LEU D 104 -26.52 -34.65 -2.76
N SER D 105 -26.92 -35.32 -1.68
CA SER D 105 -26.87 -36.78 -1.62
C SER D 105 -28.07 -37.44 -2.26
N GLU D 106 -29.07 -36.67 -2.72
CA GLU D 106 -30.23 -37.26 -3.38
C GLU D 106 -29.81 -37.97 -4.67
N ASP D 107 -28.93 -37.34 -5.45
CA ASP D 107 -28.41 -37.92 -6.68
C ASP D 107 -26.90 -37.75 -6.77
N GLN D 108 -26.24 -37.55 -5.63
CA GLN D 108 -24.78 -37.40 -5.55
C GLN D 108 -24.28 -36.23 -6.39
N SER D 109 -25.07 -35.17 -6.51
CA SER D 109 -24.65 -34.01 -7.29
C SER D 109 -23.81 -33.07 -6.43
N LEU D 110 -23.12 -32.15 -7.09
CA LEU D 110 -22.29 -31.15 -6.43
C LEU D 110 -22.72 -29.77 -6.87
N ARG D 111 -23.02 -28.91 -5.90
CA ARG D 111 -23.42 -27.54 -6.15
C ARG D 111 -22.30 -26.60 -5.75
N ILE D 112 -21.92 -25.71 -6.66
CA ILE D 112 -20.82 -24.77 -6.44
C ILE D 112 -21.38 -23.36 -6.53
N VAL D 113 -21.12 -22.57 -5.50
CA VAL D 113 -21.53 -21.17 -5.45
C VAL D 113 -20.27 -20.31 -5.41
N HIS D 114 -20.13 -19.43 -6.39
CA HIS D 114 -18.99 -18.53 -6.50
C HIS D 114 -19.44 -17.11 -6.21
N GLU D 115 -18.67 -16.40 -5.39
CA GLU D 115 -18.99 -15.05 -4.96
C GLU D 115 -17.86 -14.10 -5.28
N ASN D 116 -18.22 -12.84 -5.53
CA ASN D 116 -17.28 -11.78 -5.87
C ASN D 116 -16.54 -12.06 -7.17
N LEU D 117 -17.33 -12.28 -8.23
CA LEU D 117 -16.76 -12.42 -9.57
C LEU D 117 -16.22 -11.08 -10.05
N PRO D 118 -15.04 -11.06 -10.68
CA PRO D 118 -14.55 -9.81 -11.28
C PRO D 118 -15.50 -9.31 -12.36
N GLN D 119 -15.66 -8.00 -12.42
CA GLN D 119 -16.56 -7.35 -13.37
C GLN D 119 -15.75 -6.53 -14.36
N VAL D 120 -15.95 -6.80 -15.65
CA VAL D 120 -15.32 -6.04 -16.72
C VAL D 120 -16.39 -5.61 -17.70
N GLY D 121 -16.53 -4.30 -17.89
CA GLY D 121 -17.51 -3.79 -18.82
C GLY D 121 -18.94 -4.06 -18.38
N SER D 122 -19.83 -4.09 -19.38
CA SER D 122 -21.24 -4.38 -19.16
C SER D 122 -21.76 -5.44 -20.12
N ALA D 123 -20.90 -6.36 -20.56
CA ALA D 123 -21.29 -7.41 -21.49
C ALA D 123 -21.60 -8.71 -20.75
N GLY D 124 -22.34 -9.56 -21.41
CA GLY D 124 -22.74 -10.84 -20.86
C GLY D 124 -24.22 -10.87 -20.50
N GLU D 125 -24.69 -12.10 -20.23
CA GLU D 125 -26.09 -12.33 -19.85
C GLU D 125 -26.13 -13.00 -18.49
N PRO D 126 -26.45 -12.26 -17.41
CA PRO D 126 -26.78 -10.83 -17.39
C PRO D 126 -25.55 -9.94 -17.51
N SER D 127 -25.77 -8.63 -17.65
CA SER D 127 -24.68 -7.69 -17.83
C SER D 127 -23.72 -7.74 -16.64
N GLY D 128 -22.42 -7.79 -16.94
CA GLY D 128 -21.38 -7.87 -15.94
C GLY D 128 -20.81 -9.26 -15.72
N THR D 129 -21.53 -10.30 -16.13
CA THR D 129 -21.06 -11.68 -16.00
C THR D 129 -20.51 -12.13 -17.35
N TRP D 130 -19.29 -11.67 -17.66
CA TRP D 130 -18.64 -12.01 -18.91
C TRP D 130 -17.64 -13.14 -18.79
N LEU D 131 -17.16 -13.44 -17.58
CA LEU D 131 -16.11 -14.43 -17.38
C LEU D 131 -16.64 -15.72 -16.76
N ALA D 132 -17.92 -16.02 -16.97
CA ALA D 132 -18.54 -17.20 -16.37
C ALA D 132 -18.06 -18.51 -17.00
N PRO D 133 -17.95 -18.61 -18.34
CA PRO D 133 -17.39 -19.85 -18.91
C PRO D 133 -15.98 -20.16 -18.43
N VAL D 134 -15.19 -19.12 -18.13
CA VAL D 134 -13.85 -19.34 -17.59
C VAL D 134 -13.94 -20.11 -16.27
N LEU D 135 -14.83 -19.67 -15.37
CA LEU D 135 -15.03 -20.38 -14.12
C LEU D 135 -15.59 -21.78 -14.36
N GLU D 136 -16.49 -21.92 -15.33
CA GLU D 136 -17.03 -23.25 -15.64
C GLU D 136 -15.90 -24.22 -15.98
N GLY D 137 -15.05 -23.84 -16.93
CA GLY D 137 -13.94 -24.71 -17.31
C GLY D 137 -12.95 -24.93 -16.18
N LEU D 138 -12.63 -23.86 -15.44
CA LEU D 138 -11.66 -23.96 -14.36
C LEU D 138 -12.15 -24.93 -13.28
N TYR D 139 -13.39 -24.78 -12.84
CA TYR D 139 -13.93 -25.65 -11.81
C TYR D 139 -14.08 -27.07 -12.32
N GLY D 140 -14.48 -27.24 -13.58
CA GLY D 140 -14.54 -28.58 -14.14
C GLY D 140 -13.20 -29.29 -14.09
N ARG D 141 -12.15 -28.59 -14.53
CA ARG D 141 -10.81 -29.18 -14.47
C ARG D 141 -10.40 -29.49 -13.04
N TRP D 142 -10.59 -28.53 -12.13
CA TRP D 142 -10.12 -28.68 -10.76
C TRP D 142 -10.81 -29.84 -10.05
N VAL D 143 -12.11 -30.00 -10.26
CA VAL D 143 -12.85 -31.05 -9.56
C VAL D 143 -12.63 -32.40 -10.24
N THR D 144 -12.73 -32.44 -11.58
CA THR D 144 -12.59 -33.70 -12.29
C THR D 144 -11.18 -34.28 -12.14
N SER D 145 -10.17 -33.43 -11.94
CA SER D 145 -8.81 -33.92 -11.78
C SER D 145 -8.70 -34.83 -10.56
N GLN D 146 -9.33 -34.45 -9.46
CA GLN D 146 -9.32 -35.29 -8.26
C GLN D 146 -10.35 -36.41 -8.35
N ALA D 149 -16.48 -34.84 -4.85
CA ALA D 149 -15.29 -34.69 -5.67
C ALA D 149 -15.37 -35.58 -6.92
N PHE D 150 -14.88 -36.81 -6.79
CA PHE D 150 -14.91 -37.81 -7.86
C PHE D 150 -14.11 -37.32 -9.07
N GLY D 151 -14.17 -38.08 -10.17
CA GLY D 151 -13.41 -37.74 -11.36
C GLY D 151 -14.16 -37.92 -12.65
N ASP D 152 -15.50 -37.87 -12.59
CA ASP D 152 -16.33 -38.00 -13.79
C ASP D 152 -17.57 -37.13 -13.60
N TYR D 153 -17.49 -35.90 -14.10
CA TYR D 153 -18.57 -34.93 -13.93
C TYR D 153 -18.50 -33.93 -15.07
N VAL D 154 -19.62 -33.21 -15.28
CA VAL D 154 -19.71 -32.15 -16.27
C VAL D 154 -20.35 -30.93 -15.60
N VAL D 155 -19.87 -29.74 -15.95
CA VAL D 155 -20.36 -28.51 -15.36
C VAL D 155 -21.41 -27.89 -16.28
N THR D 156 -22.56 -27.56 -15.71
CA THR D 156 -23.62 -26.87 -16.43
C THR D 156 -24.08 -25.69 -15.60
N ARG D 157 -23.94 -24.48 -16.15
CA ARG D 157 -24.32 -23.28 -15.43
C ARG D 157 -25.83 -23.23 -15.23
N ASP D 158 -26.25 -22.85 -14.02
CA ASP D 158 -27.66 -22.75 -13.66
C ASP D 158 -28.08 -21.29 -13.80
N VAL D 159 -28.65 -20.95 -14.95
CA VAL D 159 -29.09 -19.58 -15.21
C VAL D 159 -30.50 -19.58 -15.79
N ALA D 166 -33.03 -14.37 -6.95
CA ALA D 166 -32.77 -13.18 -6.15
C ALA D 166 -31.31 -13.10 -5.75
N VAL D 167 -30.47 -13.86 -6.43
CA VAL D 167 -29.03 -13.90 -6.17
C VAL D 167 -28.41 -12.59 -6.66
N PRO D 168 -27.29 -12.15 -6.07
CA PRO D 168 -26.64 -10.93 -6.53
C PRO D 168 -26.14 -11.07 -7.96
N ARG D 169 -25.68 -9.94 -8.52
CA ARG D 169 -25.22 -9.92 -9.90
C ARG D 169 -23.94 -10.73 -10.10
N GLN D 170 -23.05 -10.72 -9.11
CA GLN D 170 -21.74 -11.35 -9.24
C GLN D 170 -21.70 -12.78 -8.71
N THR D 171 -22.85 -13.33 -8.32
CA THR D 171 -22.93 -14.69 -7.81
C THR D 171 -23.31 -15.64 -8.93
N ILE D 172 -22.55 -16.72 -9.07
CA ILE D 172 -22.75 -17.71 -10.13
C ILE D 172 -22.96 -19.07 -9.48
N ILE D 173 -23.99 -19.79 -9.93
CA ILE D 173 -24.32 -21.11 -9.41
C ILE D 173 -24.11 -22.13 -10.53
N MET D 174 -23.34 -23.18 -10.24
CA MET D 174 -23.04 -24.24 -11.20
C MET D 174 -23.34 -25.59 -10.56
N TYR D 175 -23.63 -26.57 -11.42
CA TYR D 175 -23.94 -27.92 -10.99
C TYR D 175 -22.96 -28.90 -11.62
N MET D 176 -22.59 -29.92 -10.85
CA MET D 176 -21.61 -30.92 -11.27
C MET D 176 -22.26 -32.30 -11.15
N ARG D 177 -22.93 -32.73 -12.21
CA ARG D 177 -23.61 -34.02 -12.24
C ARG D 177 -23.00 -34.90 -13.32
N VAL D 178 -23.03 -36.20 -13.08
CA VAL D 178 -22.47 -37.16 -14.03
C VAL D 178 -23.38 -37.29 -15.24
N LYS E 33 -6.54 4.93 8.89
CA LYS E 33 -5.14 5.31 8.69
C LYS E 33 -4.32 5.06 9.95
N LYS E 34 -3.12 4.53 9.77
CA LYS E 34 -2.23 4.30 10.90
C LYS E 34 -1.77 5.63 11.47
N PRO E 35 -1.80 5.81 12.79
CA PRO E 35 -1.43 7.10 13.37
C PRO E 35 0.03 7.45 13.09
N ASP E 36 0.28 8.76 12.96
CA ASP E 36 1.61 9.29 12.71
C ASP E 36 2.10 10.04 13.95
N PHE E 37 3.29 9.71 14.41
CA PHE E 37 3.83 10.25 15.66
C PHE E 37 5.01 11.19 15.44
N THR E 38 5.26 11.60 14.19
CA THR E 38 6.44 12.42 13.91
C THR E 38 6.33 13.80 14.55
N LEU E 39 5.21 14.49 14.34
CA LEU E 39 5.05 15.82 14.91
C LEU E 39 5.03 15.78 16.43
N PHE E 40 4.39 14.75 16.99
CA PHE E 40 4.38 14.59 18.44
C PHE E 40 5.79 14.41 18.98
N LEU E 41 6.61 13.60 18.30
CA LEU E 41 7.98 13.41 18.75
C LEU E 41 8.81 14.69 18.60
N GLN E 42 8.59 15.46 17.55
CA GLN E 42 9.29 16.73 17.40
C GLN E 42 8.97 17.68 18.54
N THR E 43 7.67 17.83 18.84
CA THR E 43 7.27 18.73 19.91
C THR E 43 7.79 18.23 21.27
N LEU E 44 7.72 16.92 21.50
CA LEU E 44 8.23 16.36 22.74
C LEU E 44 9.73 16.58 22.89
N SER E 45 10.48 16.41 21.80
CA SER E 45 11.91 16.65 21.84
C SER E 45 12.23 18.10 22.17
N TRP E 46 11.51 19.03 21.54
CA TRP E 46 11.71 20.44 21.85
C TRP E 46 11.39 20.75 23.31
N GLU E 47 10.28 20.21 23.81
CA GLU E 47 9.90 20.48 25.20
C GLU E 47 10.90 19.90 26.18
N ILE E 48 11.38 18.67 25.93
CA ILE E 48 12.36 18.04 26.81
C ILE E 48 13.67 18.82 26.78
N ASP E 49 14.08 19.28 25.59
CA ASP E 49 15.28 20.11 25.50
C ASP E 49 15.12 21.40 26.30
N ASP E 50 13.95 22.03 26.23
CA ASP E 50 13.73 23.27 26.95
C ASP E 50 13.58 23.09 28.45
N GLN E 51 13.18 21.90 28.91
CA GLN E 51 12.86 21.73 30.32
C GLN E 51 14.05 21.24 31.16
N VAL E 52 14.57 20.06 30.85
CA VAL E 52 15.56 19.43 31.71
C VAL E 52 16.99 19.82 31.31
N GLY E 53 17.29 19.78 30.02
CA GLY E 53 18.61 20.13 29.54
C GLY E 53 19.05 19.19 28.45
N ILE E 54 20.37 19.15 28.22
CA ILE E 54 20.96 18.33 27.18
C ILE E 54 21.85 17.23 27.76
N GLU E 55 21.76 16.99 29.06
CA GLU E 55 22.54 15.93 29.69
C GLU E 55 21.67 14.91 30.41
N VAL E 56 20.59 15.35 31.06
CA VAL E 56 19.67 14.41 31.69
C VAL E 56 18.90 13.62 30.63
N ARG E 57 18.53 14.29 29.53
CA ARG E 57 17.79 13.61 28.48
C ARG E 57 18.62 12.51 27.83
N ASN E 58 19.95 12.65 27.81
CA ASN E 58 20.78 11.58 27.29
C ASN E 58 20.67 10.32 28.14
N GLU E 59 20.70 10.48 29.47
CA GLU E 59 20.52 9.34 30.37
C GLU E 59 19.12 8.76 30.23
N LEU E 60 18.11 9.62 30.08
CA LEU E 60 16.75 9.14 29.89
C LEU E 60 16.63 8.32 28.62
N LEU E 61 17.23 8.78 27.52
CA LEU E 61 17.16 8.05 26.27
C LEU E 61 17.96 6.75 26.33
N ARG E 62 19.08 6.75 27.05
CA ARG E 62 19.83 5.51 27.25
C ARG E 62 19.00 4.49 28.03
N GLU E 63 18.31 4.93 29.07
CA GLU E 63 17.45 4.03 29.82
C GLU E 63 16.29 3.53 28.97
N VAL E 64 15.73 4.40 28.13
CA VAL E 64 14.65 3.99 27.22
C VAL E 64 15.14 2.92 26.25
N GLY E 65 16.35 3.11 25.70
CA GLY E 65 16.91 2.11 24.80
C GLY E 65 17.20 0.80 25.50
N ARG E 66 17.69 0.87 26.73
CA ARG E 66 17.95 -0.35 27.51
C ARG E 66 16.65 -1.10 27.78
N GLY E 67 15.58 -0.37 28.09
CA GLY E 67 14.29 -1.01 28.27
C GLY E 67 13.75 -1.60 26.98
N MET E 68 13.96 -0.91 25.86
CA MET E 68 13.55 -1.44 24.56
C MET E 68 14.29 -2.72 24.21
N GLY E 69 15.56 -2.81 24.60
CA GLY E 69 16.35 -4.01 24.34
C GLY E 69 15.85 -5.26 25.04
N THR E 70 14.97 -5.11 26.02
CA THR E 70 14.40 -6.26 26.72
C THR E 70 13.19 -6.85 26.00
N ARG E 71 12.45 -6.03 25.23
CA ARG E 71 11.28 -6.55 24.53
C ARG E 71 11.67 -7.44 23.36
N ILE E 72 12.67 -7.05 22.58
CA ILE E 72 13.12 -7.81 21.42
C ILE E 72 14.59 -8.15 21.62
N MET E 73 14.93 -9.42 21.45
N MET E 73 14.93 -9.43 21.47
CA MET E 73 16.28 -9.92 21.65
CA MET E 73 16.30 -9.90 21.65
C MET E 73 16.69 -10.82 20.49
C MET E 73 16.69 -10.81 20.49
N PRO E 74 17.98 -10.86 20.16
CA PRO E 74 18.45 -11.77 19.12
C PRO E 74 18.79 -13.13 19.71
N PRO E 75 18.75 -14.20 18.91
CA PRO E 75 19.16 -15.50 19.42
C PRO E 75 20.66 -15.52 19.68
N PRO E 76 21.12 -16.37 20.59
CA PRO E 76 22.56 -16.43 20.89
C PRO E 76 23.36 -16.93 19.70
N CYS E 77 24.29 -16.12 19.24
CA CYS E 77 25.12 -16.42 18.08
C CYS E 77 26.57 -16.63 18.50
N GLN E 78 27.32 -17.31 17.63
CA GLN E 78 28.71 -17.67 17.92
C GLN E 78 29.72 -16.85 17.14
N THR E 79 29.34 -16.31 15.98
CA THR E 79 30.25 -15.55 15.14
C THR E 79 29.70 -14.16 14.88
N VAL E 80 30.58 -13.28 14.41
CA VAL E 80 30.19 -11.88 14.17
C VAL E 80 29.23 -11.79 12.99
N ASP E 81 29.46 -12.60 11.95
CA ASP E 81 28.61 -12.54 10.76
C ASP E 81 27.17 -12.94 11.08
N LYS E 82 27.00 -14.01 11.86
CA LYS E 82 25.66 -14.43 12.27
C LYS E 82 24.99 -13.36 13.13
N LEU E 83 25.76 -12.72 14.01
CA LEU E 83 25.23 -11.64 14.82
C LEU E 83 24.75 -10.49 13.96
N GLN E 84 25.54 -10.14 12.93
CA GLN E 84 25.13 -9.07 12.02
C GLN E 84 23.85 -9.44 11.28
N ILE E 85 23.77 -10.68 10.79
CA ILE E 85 22.59 -11.11 10.04
C ILE E 85 21.35 -11.09 10.93
N GLU E 86 21.49 -11.47 12.20
CA GLU E 86 20.33 -11.46 13.09
C GLU E 86 19.93 -10.03 13.46
N LEU E 87 20.91 -9.18 13.77
CA LEU E 87 20.62 -7.82 14.17
C LEU E 87 19.98 -7.03 13.03
N ASN E 88 20.39 -7.33 11.79
CA ASN E 88 19.73 -6.70 10.64
C ASN E 88 18.26 -7.10 10.57
N ALA E 89 17.95 -8.38 10.83
CA ALA E 89 16.56 -8.82 10.81
C ALA E 89 15.74 -8.14 11.90
N LEU E 90 16.28 -8.04 13.11
CA LEU E 90 15.55 -7.34 14.17
C LEU E 90 15.36 -5.87 13.86
N LEU E 91 16.37 -5.22 13.27
CA LEU E 91 16.22 -3.81 12.92
C LEU E 91 15.17 -3.64 11.82
N ALA E 92 15.17 -4.53 10.83
CA ALA E 92 14.18 -4.45 9.77
C ALA E 92 12.77 -4.77 10.26
N LEU E 93 12.66 -5.52 11.36
CA LEU E 93 11.34 -5.78 11.93
C LEU E 93 10.63 -4.50 12.33
N ILE E 94 11.38 -3.47 12.74
CA ILE E 94 10.81 -2.18 13.09
C ILE E 94 11.19 -1.07 12.12
N GLY E 95 12.14 -1.31 11.22
CA GLY E 95 12.50 -0.32 10.22
C GLY E 95 13.31 0.85 10.72
N TRP E 96 14.26 0.62 11.61
CA TRP E 96 15.09 1.69 12.17
C TRP E 96 16.44 1.83 11.48
N GLY E 97 16.67 1.11 10.39
CA GLY E 97 17.91 1.27 9.64
C GLY E 97 18.66 -0.02 9.41
N THR E 98 19.98 0.08 9.23
CA THR E 98 20.82 -1.09 9.01
C THR E 98 22.06 -0.97 9.88
N VAL E 99 22.69 -2.11 10.18
CA VAL E 99 23.86 -2.15 11.04
C VAL E 99 24.98 -2.92 10.33
N THR E 100 26.22 -2.57 10.69
CA THR E 100 27.41 -3.24 10.18
C THR E 100 28.40 -3.37 11.32
N LEU E 101 28.75 -4.61 11.66
CA LEU E 101 29.69 -4.89 12.75
C LEU E 101 31.03 -5.34 12.19
N GLU E 102 32.11 -4.86 12.79
CA GLU E 102 33.45 -5.24 12.38
C GLU E 102 34.32 -5.35 13.62
N LEU E 103 35.35 -6.18 13.56
CA LEU E 103 36.19 -6.48 14.73
C LEU E 103 37.62 -6.02 14.45
N LEU E 104 38.10 -5.07 15.25
CA LEU E 104 39.51 -4.68 15.25
C LEU E 104 40.28 -5.68 16.12
N SER E 105 41.14 -6.48 15.49
CA SER E 105 41.91 -7.48 16.20
C SER E 105 43.13 -6.90 16.90
N GLU E 106 43.45 -5.62 16.67
CA GLU E 106 44.60 -5.00 17.32
C GLU E 106 44.42 -4.97 18.83
N ASP E 107 43.22 -4.62 19.28
CA ASP E 107 42.88 -4.59 20.71
C ASP E 107 41.57 -5.29 20.99
N GLN E 108 41.14 -6.15 20.06
CA GLN E 108 39.91 -6.94 20.20
C GLN E 108 38.70 -6.05 20.47
N SER E 109 38.61 -4.95 19.72
CA SER E 109 37.50 -4.02 19.85
C SER E 109 36.45 -4.27 18.77
N LEU E 110 35.26 -3.72 18.98
CA LEU E 110 34.16 -3.85 18.04
C LEU E 110 33.75 -2.47 17.54
N ARG E 111 33.65 -2.34 16.23
CA ARG E 111 33.19 -1.12 15.59
C ARG E 111 31.82 -1.36 14.96
N ILE E 112 30.86 -0.51 15.29
CA ILE E 112 29.49 -0.64 14.84
C ILE E 112 29.13 0.60 14.03
N VAL E 113 28.63 0.40 12.81
CA VAL E 113 28.19 1.50 11.95
C VAL E 113 26.70 1.32 11.70
N HIS E 114 25.92 2.33 12.07
CA HIS E 114 24.48 2.32 11.90
C HIS E 114 24.10 3.32 10.82
N GLU E 115 23.24 2.88 9.89
CA GLU E 115 22.86 3.68 8.74
C GLU E 115 21.33 3.83 8.70
N ASN E 116 20.89 4.97 8.17
CA ASN E 116 19.47 5.30 8.04
C ASN E 116 18.80 5.41 9.41
N LEU E 117 19.35 6.27 10.26
CA LEU E 117 18.70 6.59 11.52
C LEU E 117 17.44 7.41 11.29
N PRO E 118 16.36 7.11 12.00
CA PRO E 118 15.16 7.95 11.89
C PRO E 118 15.47 9.38 12.34
N GLN E 119 14.85 10.34 11.64
CA GLN E 119 15.07 11.76 11.91
C GLN E 119 13.77 12.37 12.43
N VAL E 120 13.85 13.00 13.60
CA VAL E 120 12.71 13.70 14.18
C VAL E 120 13.17 15.11 14.56
N GLY E 121 12.53 16.12 13.98
CA GLY E 121 12.87 17.49 14.29
C GLY E 121 14.25 17.87 13.81
N SER E 122 14.82 18.87 14.49
CA SER E 122 16.16 19.36 14.20
C SER E 122 17.01 19.47 15.47
N ALA E 123 16.71 18.68 16.49
CA ALA E 123 17.43 18.74 17.74
C ALA E 123 18.54 17.69 17.78
N GLY E 124 19.51 17.90 18.65
CA GLY E 124 20.64 17.02 18.81
C GLY E 124 21.92 17.62 18.27
N GLU E 125 23.03 16.97 18.62
CA GLU E 125 24.37 17.38 18.19
C GLU E 125 25.02 16.24 17.42
N PRO E 126 25.07 16.31 16.08
CA PRO E 126 24.55 17.39 15.23
C PRO E 126 23.03 17.33 15.06
N SER E 127 22.47 18.35 14.43
CA SER E 127 21.02 18.43 14.27
C SER E 127 20.49 17.23 13.50
N GLY E 128 19.41 16.63 14.02
CA GLY E 128 18.79 15.47 13.43
C GLY E 128 19.14 14.16 14.10
N THR E 129 20.23 14.12 14.87
CA THR E 129 20.64 12.91 15.58
C THR E 129 20.20 13.03 17.04
N TRP E 130 18.90 12.82 17.26
CA TRP E 130 18.32 12.91 18.60
C TRP E 130 18.15 11.55 19.26
N LEU E 131 18.14 10.47 18.49
CA LEU E 131 17.90 9.13 19.02
C LEU E 131 19.17 8.28 19.05
N ALA E 132 20.31 8.91 19.28
CA ALA E 132 21.59 8.20 19.32
C ALA E 132 21.82 7.46 20.65
N PRO E 133 21.53 8.06 21.81
CA PRO E 133 21.67 7.28 23.06
C PRO E 133 20.77 6.06 23.10
N VAL E 134 19.61 6.11 22.44
CA VAL E 134 18.75 4.93 22.35
C VAL E 134 19.49 3.80 21.65
N LEU E 135 20.15 4.11 20.52
CA LEU E 135 20.94 3.10 19.83
C LEU E 135 22.10 2.63 20.70
N GLU E 136 22.74 3.54 21.43
CA GLU E 136 23.84 3.15 22.31
C GLU E 136 23.38 2.10 23.31
N GLY E 137 22.30 2.38 24.03
CA GLY E 137 21.81 1.42 25.01
C GLY E 137 21.32 0.12 24.38
N LEU E 138 20.61 0.22 23.25
CA LEU E 138 20.09 -0.96 22.59
C LEU E 138 21.21 -1.89 22.14
N TYR E 139 22.24 -1.33 21.49
CA TYR E 139 23.35 -2.14 21.01
C TYR E 139 24.16 -2.68 22.17
N GLY E 140 24.33 -1.89 23.24
CA GLY E 140 25.02 -2.41 24.41
C GLY E 140 24.33 -3.63 24.98
N ARG E 141 23.00 -3.55 25.14
CA ARG E 141 22.25 -4.69 25.64
C ARG E 141 22.37 -5.89 24.70
N TRP E 142 22.17 -5.64 23.40
CA TRP E 142 22.13 -6.73 22.43
C TRP E 142 23.46 -7.47 22.36
N VAL E 143 24.58 -6.73 22.40
CA VAL E 143 25.87 -7.37 22.27
C VAL E 143 26.33 -7.98 23.59
N THR E 144 26.18 -7.24 24.70
CA THR E 144 26.61 -7.75 26.00
C THR E 144 25.80 -8.97 26.42
N SER E 145 24.56 -9.10 25.93
CA SER E 145 23.76 -10.27 26.29
C SER E 145 24.41 -11.55 25.82
N GLN E 146 24.97 -11.56 24.62
CA GLN E 146 25.65 -12.74 24.10
C GLN E 146 27.09 -12.80 24.59
N ALA E 149 31.78 -10.33 19.71
CA ALA E 149 30.58 -10.44 20.53
C ALA E 149 30.92 -10.28 22.01
N PHE E 150 31.21 -11.41 22.67
CA PHE E 150 31.59 -11.44 24.08
C PHE E 150 30.47 -10.91 24.97
N GLY E 151 30.73 -10.77 26.26
CA GLY E 151 29.71 -10.34 27.19
C GLY E 151 30.19 -9.34 28.23
N ASP E 152 31.25 -8.60 27.91
CA ASP E 152 31.78 -7.58 28.82
C ASP E 152 32.35 -6.44 27.96
N TYR E 153 31.51 -5.44 27.71
CA TYR E 153 31.88 -4.32 26.88
C TYR E 153 31.07 -3.10 27.28
N VAL E 154 31.54 -1.92 26.88
CA VAL E 154 30.84 -0.66 27.10
C VAL E 154 30.81 0.11 25.78
N VAL E 155 29.70 0.80 25.53
CA VAL E 155 29.51 1.53 24.29
C VAL E 155 29.85 3.00 24.52
N THR E 156 30.70 3.54 23.66
CA THR E 156 31.06 4.97 23.68
C THR E 156 30.92 5.51 22.27
N ARG E 157 30.05 6.50 22.10
CA ARG E 157 29.83 7.09 20.79
C ARG E 157 31.09 7.82 20.32
N ASP E 158 31.41 7.65 19.05
CA ASP E 158 32.57 8.30 18.43
C ASP E 158 32.09 9.53 17.69
N VAL E 159 32.16 10.69 18.34
CA VAL E 159 31.71 11.93 17.75
C VAL E 159 32.75 13.02 17.96
N ALA E 166 33.53 12.98 7.43
CA ALA E 166 32.79 13.17 6.18
C ALA E 166 31.64 12.18 6.07
N VAL E 167 31.24 11.62 7.21
CA VAL E 167 30.14 10.65 7.27
C VAL E 167 28.82 11.38 7.06
N PRO E 168 27.79 10.72 6.55
CA PRO E 168 26.49 11.39 6.39
C PRO E 168 25.90 11.79 7.73
N ARG E 169 24.80 12.55 7.66
CA ARG E 169 24.16 13.06 8.87
C ARG E 169 23.53 11.95 9.70
N GLN E 170 23.00 10.91 9.05
CA GLN E 170 22.25 9.86 9.73
C GLN E 170 23.11 8.65 10.07
N THR E 171 24.42 8.72 9.85
CA THR E 171 25.33 7.63 10.14
C THR E 171 25.96 7.83 11.51
N ILE E 172 25.91 6.80 12.36
CA ILE E 172 26.42 6.86 13.72
C ILE E 172 27.47 5.76 13.89
N ILE E 173 28.62 6.13 14.45
CA ILE E 173 29.72 5.20 14.69
C ILE E 173 29.91 5.04 16.18
N MET E 174 29.92 3.80 16.65
CA MET E 174 30.09 3.48 18.06
C MET E 174 31.19 2.45 18.22
N TYR E 175 31.82 2.45 19.40
CA TYR E 175 32.89 1.53 19.73
C TYR E 175 32.52 0.72 20.95
N MET E 176 32.93 -0.56 20.95
CA MET E 176 32.61 -1.50 22.01
C MET E 176 33.91 -2.08 22.53
N ARG E 177 34.51 -1.41 23.52
CA ARG E 177 35.76 -1.83 24.11
C ARG E 177 35.56 -2.15 25.59
N VAL E 178 36.35 -3.09 26.10
CA VAL E 178 36.26 -3.51 27.49
C VAL E 178 36.83 -2.43 28.40
N LYS F 33 -11.12 3.97 -2.13
CA LYS F 33 -9.98 4.60 -2.80
C LYS F 33 -9.95 6.10 -2.54
N LYS F 34 -8.75 6.61 -2.26
CA LYS F 34 -8.59 8.04 -2.04
C LYS F 34 -8.83 8.79 -3.34
N PRO F 35 -9.63 9.86 -3.33
CA PRO F 35 -9.93 10.59 -4.57
C PRO F 35 -8.69 11.17 -5.22
N ASP F 36 -8.70 11.21 -6.55
CA ASP F 36 -7.62 11.76 -7.34
C ASP F 36 -8.07 13.08 -7.96
N PHE F 37 -7.26 14.13 -7.78
CA PHE F 37 -7.62 15.48 -8.21
C PHE F 37 -6.77 15.97 -9.38
N THR F 38 -5.99 15.08 -10.01
CA THR F 38 -5.08 15.52 -11.06
C THR F 38 -5.82 16.04 -12.29
N LEU F 39 -6.79 15.27 -12.79
CA LEU F 39 -7.54 15.69 -13.96
C LEU F 39 -8.35 16.95 -13.68
N PHE F 40 -8.93 17.04 -12.49
CA PHE F 40 -9.67 18.23 -12.10
C PHE F 40 -8.76 19.46 -12.09
N LEU F 41 -7.55 19.31 -11.57
CA LEU F 41 -6.62 20.44 -11.55
C LEU F 41 -6.17 20.82 -12.96
N GLN F 42 -5.97 19.84 -13.83
CA GLN F 42 -5.61 20.14 -15.22
C GLN F 42 -6.72 20.94 -15.90
N THR F 43 -7.96 20.48 -15.77
CA THR F 43 -9.08 21.18 -16.41
C THR F 43 -9.25 22.58 -15.81
N LEU F 44 -9.11 22.69 -14.49
CA LEU F 44 -9.24 23.99 -13.84
C LEU F 44 -8.14 24.95 -14.30
N SER F 45 -6.92 24.45 -14.44
CA SER F 45 -5.82 25.29 -14.92
C SER F 45 -6.08 25.78 -16.34
N TRP F 46 -6.56 24.88 -17.21
CA TRP F 46 -6.88 25.29 -18.57
C TRP F 46 -7.99 26.35 -18.58
N GLU F 47 -9.04 26.14 -17.78
CA GLU F 47 -10.15 27.09 -17.77
C GLU F 47 -9.71 28.45 -17.23
N ILE F 48 -8.91 28.46 -16.15
CA ILE F 48 -8.43 29.71 -15.58
C ILE F 48 -7.53 30.44 -16.57
N ASP F 49 -6.68 29.69 -17.29
CA ASP F 49 -5.85 30.30 -18.32
C ASP F 49 -6.70 30.93 -19.40
N ASP F 50 -7.76 30.23 -19.83
CA ASP F 50 -8.60 30.74 -20.90
C ASP F 50 -9.50 31.90 -20.46
N GLN F 51 -9.78 32.03 -19.16
CA GLN F 51 -10.75 33.03 -18.71
C GLN F 51 -10.11 34.36 -18.32
N VAL F 52 -9.25 34.35 -17.31
CA VAL F 52 -8.75 35.61 -16.74
C VAL F 52 -7.47 36.07 -17.43
N GLY F 53 -6.53 35.17 -17.67
CA GLY F 53 -5.28 35.53 -18.31
C GLY F 53 -4.12 34.82 -17.65
N ILE F 54 -2.91 35.35 -17.90
CA ILE F 54 -1.68 34.78 -17.37
C ILE F 54 -1.01 35.71 -16.37
N GLU F 55 -1.70 36.74 -15.90
CA GLU F 55 -1.17 37.67 -14.92
C GLU F 55 -2.01 37.77 -13.66
N VAL F 56 -3.34 37.72 -13.80
CA VAL F 56 -4.21 37.71 -12.62
C VAL F 56 -4.09 36.38 -11.89
N ARG F 57 -3.97 35.27 -12.63
CA ARG F 57 -3.85 33.97 -11.99
C ARG F 57 -2.58 33.85 -11.17
N ASN F 58 -1.52 34.58 -11.55
CA ASN F 58 -0.30 34.57 -10.75
C ASN F 58 -0.57 35.18 -9.37
N GLU F 59 -1.27 36.32 -9.33
CA GLU F 59 -1.62 36.92 -8.05
C GLU F 59 -2.56 36.03 -7.26
N LEU F 60 -3.50 35.37 -7.94
CA LEU F 60 -4.40 34.44 -7.26
C LEU F 60 -3.63 33.29 -6.63
N LEU F 61 -2.66 32.73 -7.36
CA LEU F 61 -1.87 31.62 -6.83
C LEU F 61 -0.98 32.08 -5.69
N ARG F 62 -0.43 33.29 -5.78
CA ARG F 62 0.36 33.84 -4.68
C ARG F 62 -0.48 34.00 -3.42
N GLU F 63 -1.70 34.50 -3.57
CA GLU F 63 -2.60 34.63 -2.43
C GLU F 63 -2.97 33.26 -1.85
N VAL F 64 -3.19 32.28 -2.73
CA VAL F 64 -3.49 30.92 -2.27
C VAL F 64 -2.32 30.35 -1.48
N GLY F 65 -1.09 30.55 -1.97
CA GLY F 65 0.07 30.08 -1.24
C GLY F 65 0.26 30.78 0.09
N ARG F 66 0.00 32.09 0.13
CA ARG F 66 0.10 32.84 1.38
C ARG F 66 -0.94 32.35 2.40
N GLY F 67 -2.15 32.05 1.93
CA GLY F 67 -3.14 31.47 2.82
C GLY F 67 -2.76 30.07 3.29
N MET F 68 -2.15 29.28 2.40
CA MET F 68 -1.67 27.95 2.76
C MET F 68 -0.59 28.02 3.83
N GLY F 69 0.27 29.05 3.76
CA GLY F 69 1.34 29.23 4.73
C GLY F 69 0.87 29.47 6.15
N THR F 70 -0.42 29.80 6.33
CA THR F 70 -0.96 30.02 7.67
C THR F 70 -1.40 28.72 8.34
N ARG F 71 -1.88 27.75 7.57
CA ARG F 71 -2.36 26.50 8.15
C ARG F 71 -1.22 25.71 8.79
N ILE F 72 -0.05 25.67 8.14
CA ILE F 72 1.11 24.95 8.65
C ILE F 72 2.29 25.90 8.70
N MET F 73 2.97 25.93 9.85
N MET F 73 2.95 25.97 9.85
CA MET F 73 4.12 26.79 10.07
CA MET F 73 4.13 26.79 10.02
C MET F 73 5.25 26.00 10.70
C MET F 73 5.24 26.02 10.70
N PRO F 74 6.50 26.37 10.43
CA PRO F 74 7.62 25.72 11.09
C PRO F 74 7.90 26.37 12.43
N PRO F 75 8.55 25.66 13.36
CA PRO F 75 8.91 26.28 14.62
C PRO F 75 10.00 27.33 14.42
N PRO F 76 10.09 28.32 15.29
CA PRO F 76 11.13 29.36 15.12
C PRO F 76 12.52 28.78 15.30
N CYS F 77 13.35 28.94 14.26
CA CYS F 77 14.70 28.42 14.23
C CYS F 77 15.71 29.56 14.24
N GLN F 78 16.93 29.24 14.65
CA GLN F 78 17.98 30.23 14.79
C GLN F 78 19.03 30.16 13.69
N THR F 79 19.21 29.02 13.05
CA THR F 79 20.23 28.83 12.03
C THR F 79 19.59 28.35 10.73
N VAL F 80 20.35 28.48 9.64
CA VAL F 80 19.83 28.10 8.33
C VAL F 80 19.66 26.60 8.22
N ASP F 81 20.57 25.83 8.81
CA ASP F 81 20.49 24.37 8.71
C ASP F 81 19.25 23.83 9.41
N LYS F 82 18.95 24.35 10.60
CA LYS F 82 17.74 23.94 11.31
C LYS F 82 16.49 24.32 10.53
N LEU F 83 16.50 25.51 9.92
CA LEU F 83 15.38 25.93 9.09
C LEU F 83 15.18 24.97 7.92
N GLN F 84 16.28 24.57 7.28
CA GLN F 84 16.20 23.62 6.18
C GLN F 84 15.63 22.29 6.64
N ILE F 85 16.09 21.80 7.79
CA ILE F 85 15.62 20.51 8.29
C ILE F 85 14.14 20.57 8.63
N GLU F 86 13.68 21.69 9.20
CA GLU F 86 12.26 21.81 9.53
C GLU F 86 11.38 21.96 8.30
N LEU F 87 11.81 22.78 7.32
CA LEU F 87 11.04 22.95 6.10
C LEU F 87 10.98 21.66 5.28
N ASN F 88 12.04 20.86 5.30
CA ASN F 88 12.01 19.58 4.60
C ASN F 88 10.96 18.65 5.19
N ALA F 89 10.88 18.60 6.53
CA ALA F 89 9.85 17.79 7.17
C ALA F 89 8.46 18.32 6.88
N LEU F 90 8.29 19.65 6.89
CA LEU F 90 7.00 20.24 6.58
C LEU F 90 6.56 19.90 5.15
N LEU F 91 7.50 19.96 4.20
CA LEU F 91 7.18 19.60 2.82
C LEU F 91 6.87 18.12 2.69
N ALA F 92 7.64 17.26 3.37
CA ALA F 92 7.39 15.83 3.31
C ALA F 92 6.07 15.43 3.97
N LEU F 93 5.55 16.27 4.87
CA LEU F 93 4.24 16.01 5.46
C LEU F 93 3.15 15.99 4.38
N ILE F 94 3.32 16.77 3.32
CA ILE F 94 2.36 16.80 2.22
C ILE F 94 2.93 16.24 0.93
N GLY F 95 4.24 16.02 0.84
CA GLY F 95 4.83 15.42 -0.34
C GLY F 95 4.95 16.32 -1.54
N TRP F 96 5.32 17.58 -1.36
CA TRP F 96 5.43 18.53 -2.46
C TRP F 96 6.87 18.72 -2.95
N GLY F 97 7.82 17.90 -2.47
CA GLY F 97 9.17 17.98 -2.95
C GLY F 97 10.22 18.17 -1.87
N THR F 98 11.35 18.76 -2.23
CA THR F 98 12.44 19.00 -1.29
C THR F 98 12.96 20.41 -1.49
N VAL F 99 13.60 20.96 -0.45
CA VAL F 99 14.08 22.34 -0.48
C VAL F 99 15.54 22.36 -0.04
N THR F 100 16.26 23.36 -0.53
CA THR F 100 17.67 23.57 -0.18
C THR F 100 17.91 25.08 -0.07
N LEU F 101 18.30 25.53 1.12
CA LEU F 101 18.57 26.94 1.37
C LEU F 101 20.07 27.18 1.50
N GLU F 102 20.54 28.26 0.88
CA GLU F 102 21.96 28.61 0.96
C GLU F 102 22.11 30.12 1.00
N LEU F 103 22.97 30.61 1.88
CA LEU F 103 23.09 32.05 2.14
C LEU F 103 24.31 32.59 1.41
N LEU F 104 24.08 33.57 0.53
CA LEU F 104 25.17 34.33 -0.08
C LEU F 104 25.56 35.48 0.85
N SER F 105 26.79 35.43 1.37
CA SER F 105 27.26 36.45 2.30
C SER F 105 27.75 37.71 1.61
N GLU F 106 27.82 37.70 0.27
CA GLU F 106 28.27 38.90 -0.45
C GLU F 106 27.32 40.06 -0.22
N ASP F 107 26.02 39.80 -0.28
CA ASP F 107 24.99 40.81 -0.02
C ASP F 107 23.94 40.30 0.95
N GLN F 108 24.28 39.27 1.72
CA GLN F 108 23.39 38.69 2.73
C GLN F 108 22.06 38.24 2.11
N SER F 109 22.14 37.64 0.93
CA SER F 109 20.94 37.14 0.26
C SER F 109 20.74 35.67 0.56
N LEU F 110 19.53 35.19 0.25
CA LEU F 110 19.17 33.80 0.46
C LEU F 110 18.71 33.18 -0.85
N ARG F 111 19.27 32.02 -1.20
CA ARG F 111 18.92 31.30 -2.41
C ARG F 111 18.22 30.01 -2.02
N ILE F 112 17.06 29.79 -2.63
CA ILE F 112 16.21 28.63 -2.34
C ILE F 112 16.07 27.81 -3.61
N VAL F 113 16.38 26.52 -3.53
CA VAL F 113 16.24 25.60 -4.64
C VAL F 113 15.21 24.55 -4.25
N HIS F 114 14.14 24.46 -5.04
CA HIS F 114 13.05 23.51 -4.80
C HIS F 114 13.10 22.43 -5.87
N GLU F 115 13.01 21.18 -5.44
CA GLU F 115 13.11 20.03 -6.32
C GLU F 115 11.86 19.16 -6.20
N ASN F 116 11.51 18.52 -7.32
CA ASN F 116 10.34 17.63 -7.40
C ASN F 116 9.03 18.40 -7.17
N LEU F 117 8.83 19.44 -7.98
CA LEU F 117 7.56 20.15 -7.97
C LEU F 117 6.47 19.27 -8.57
N PRO F 118 5.28 19.25 -7.98
CA PRO F 118 4.16 18.53 -8.61
C PRO F 118 3.82 19.11 -9.97
N GLN F 119 3.48 18.22 -10.91
CA GLN F 119 3.18 18.61 -12.28
C GLN F 119 1.70 18.34 -12.56
N VAL F 120 1.00 19.38 -13.00
CA VAL F 120 -0.41 19.27 -13.39
C VAL F 120 -0.56 19.86 -14.78
N GLY F 121 -1.02 19.06 -15.73
CA GLY F 121 -1.24 19.53 -17.08
C GLY F 121 0.06 19.91 -17.77
N SER F 122 -0.08 20.83 -18.74
CA SER F 122 1.05 21.35 -19.51
C SER F 122 1.04 22.87 -19.58
N ALA F 123 0.45 23.54 -18.59
CA ALA F 123 0.35 24.99 -18.58
C ALA F 123 1.47 25.60 -17.75
N GLY F 124 1.74 26.87 -18.01
CA GLY F 124 2.78 27.60 -17.32
C GLY F 124 3.98 27.87 -18.23
N GLU F 125 4.85 28.75 -17.73
CA GLU F 125 6.08 29.13 -18.44
C GLU F 125 7.28 28.80 -17.57
N PRO F 126 8.02 27.71 -17.87
CA PRO F 126 7.78 26.76 -18.96
C PRO F 126 6.65 25.78 -18.65
N SER F 127 6.31 24.94 -19.63
CA SER F 127 5.20 24.01 -19.47
C SER F 127 5.46 23.07 -18.30
N GLY F 128 4.44 22.88 -17.46
CA GLY F 128 4.51 22.03 -16.30
C GLY F 128 4.75 22.75 -14.99
N THR F 129 5.24 23.99 -15.04
CA THR F 129 5.48 24.78 -13.83
C THR F 129 4.31 25.76 -13.65
N TRP F 130 3.19 25.21 -13.17
CA TRP F 130 1.99 26.01 -12.95
C TRP F 130 1.82 26.42 -11.49
N LEU F 131 2.48 25.74 -10.56
CA LEU F 131 2.32 26.00 -9.13
C LEU F 131 3.53 26.70 -8.53
N ALA F 132 4.20 27.54 -9.31
CA ALA F 132 5.38 28.26 -8.85
C ALA F 132 5.03 29.46 -7.97
N PRO F 133 4.05 30.30 -8.33
CA PRO F 133 3.67 31.39 -7.41
C PRO F 133 3.21 30.89 -6.04
N VAL F 134 2.60 29.71 -5.99
CA VAL F 134 2.24 29.13 -4.69
C VAL F 134 3.47 28.92 -3.84
N LEU F 135 4.53 28.35 -4.43
CA LEU F 135 5.78 28.18 -3.69
C LEU F 135 6.38 29.53 -3.32
N GLU F 136 6.29 30.52 -4.21
CA GLU F 136 6.83 31.84 -3.89
C GLU F 136 6.17 32.40 -2.63
N GLY F 137 4.84 32.42 -2.60
CA GLY F 137 4.14 32.93 -1.44
C GLY F 137 4.38 32.11 -0.18
N LEU F 138 4.38 30.78 -0.32
CA LEU F 138 4.58 29.90 0.83
C LEU F 138 5.95 30.11 1.45
N TYR F 139 6.99 30.13 0.62
CA TYR F 139 8.34 30.32 1.14
C TYR F 139 8.53 31.72 1.71
N GLY F 140 7.93 32.73 1.06
CA GLY F 140 8.00 34.07 1.61
C GLY F 140 7.40 34.14 3.00
N ARG F 141 6.22 33.57 3.19
CA ARG F 141 5.61 33.55 4.51
C ARG F 141 6.47 32.79 5.51
N TRP F 142 6.93 31.60 5.13
CA TRP F 142 7.66 30.75 6.05
C TRP F 142 8.96 31.39 6.51
N VAL F 143 9.69 32.03 5.59
CA VAL F 143 10.98 32.62 5.96
C VAL F 143 10.78 33.95 6.68
N THR F 144 9.90 34.82 6.15
CA THR F 144 9.69 36.13 6.75
C THR F 144 9.08 36.02 8.15
N SER F 145 8.33 34.96 8.44
CA SER F 145 7.75 34.82 9.76
C SER F 145 8.83 34.74 10.84
N GLN F 146 9.91 34.00 10.58
CA GLN F 146 11.02 33.92 11.53
C GLN F 146 11.93 35.14 11.42
N ALA F 149 17.80 33.72 7.36
CA ALA F 149 16.42 33.74 7.83
C ALA F 149 15.86 35.16 7.85
N PHE F 150 16.03 35.84 8.98
CA PHE F 150 15.59 37.22 9.17
C PHE F 150 14.08 37.35 9.01
N GLY F 151 13.57 38.58 9.02
CA GLY F 151 12.14 38.79 8.92
C GLY F 151 11.75 39.95 8.02
N ASP F 152 12.61 40.29 7.05
CA ASP F 152 12.32 41.36 6.11
C ASP F 152 12.96 40.99 4.78
N TYR F 153 12.17 40.37 3.91
CA TYR F 153 12.66 39.89 2.61
C TYR F 153 11.49 39.82 1.64
N VAL F 154 11.83 39.77 0.36
CA VAL F 154 10.84 39.59 -0.71
C VAL F 154 11.33 38.51 -1.66
N VAL F 155 10.42 37.69 -2.15
CA VAL F 155 10.76 36.58 -3.03
C VAL F 155 10.57 37.00 -4.48
N THR F 156 11.59 36.78 -5.30
CA THR F 156 11.53 37.04 -6.73
C THR F 156 12.04 35.81 -7.46
N ARG F 157 11.18 35.22 -8.29
CA ARG F 157 11.56 34.02 -9.03
C ARG F 157 12.65 34.34 -10.04
N ASP F 158 13.65 33.46 -10.12
CA ASP F 158 14.77 33.61 -11.05
C ASP F 158 14.48 32.75 -12.27
N VAL F 159 13.92 33.37 -13.31
CA VAL F 159 13.58 32.66 -14.53
C VAL F 159 14.06 33.45 -15.74
N ALA F 166 20.28 25.08 -17.46
CA ALA F 166 20.31 23.65 -17.71
C ALA F 166 19.65 22.89 -16.56
N VAL F 167 18.88 23.61 -15.75
CA VAL F 167 18.17 23.03 -14.61
C VAL F 167 17.03 22.16 -15.12
N PRO F 168 16.61 21.13 -14.39
CA PRO F 168 15.48 20.30 -14.82
C PRO F 168 14.20 21.11 -14.90
N ARG F 169 13.17 20.46 -15.44
CA ARG F 169 11.88 21.14 -15.64
C ARG F 169 11.19 21.45 -14.32
N GLN F 170 11.33 20.57 -13.32
CA GLN F 170 10.61 20.71 -12.07
C GLN F 170 11.42 21.42 -10.99
N THR F 171 12.58 21.96 -11.34
CA THR F 171 13.43 22.68 -10.38
C THR F 171 13.16 24.17 -10.50
N ILE F 172 12.91 24.82 -9.36
CA ILE F 172 12.60 26.24 -9.29
C ILE F 172 13.62 26.92 -8.39
N ILE F 173 14.17 28.04 -8.85
CA ILE F 173 15.16 28.81 -8.11
C ILE F 173 14.55 30.16 -7.75
N MET F 174 14.61 30.52 -6.48
CA MET F 174 14.07 31.78 -5.98
C MET F 174 15.13 32.49 -5.16
N TYR F 175 15.01 33.81 -5.08
CA TYR F 175 15.94 34.65 -4.34
C TYR F 175 15.18 35.45 -3.28
N MET F 176 15.81 35.63 -2.13
CA MET F 176 15.21 36.30 -0.98
C MET F 176 16.14 37.44 -0.57
N ARG F 177 15.93 38.61 -1.18
CA ARG F 177 16.74 39.79 -0.91
C ARG F 177 15.87 40.89 -0.34
N VAL F 178 16.47 41.72 0.51
CA VAL F 178 15.74 42.82 1.14
C VAL F 178 15.49 43.93 0.14
N LYS G 33 -8.85 -7.80 -2.19
CA LYS G 33 -7.71 -7.71 -3.11
C LYS G 33 -8.18 -7.41 -4.53
N LYS G 34 -7.48 -6.51 -5.20
CA LYS G 34 -7.80 -6.20 -6.59
C LYS G 34 -7.48 -7.39 -7.48
N PRO G 35 -8.39 -7.77 -8.37
CA PRO G 35 -8.15 -8.97 -9.21
C PRO G 35 -6.93 -8.80 -10.10
N ASP G 36 -6.24 -9.92 -10.34
CA ASP G 36 -5.07 -9.96 -11.21
C ASP G 36 -5.43 -10.68 -12.50
N PHE G 37 -5.10 -10.05 -13.63
CA PHE G 37 -5.47 -10.57 -14.94
C PHE G 37 -4.28 -11.03 -15.76
N THR G 38 -3.10 -11.20 -15.13
CA THR G 38 -1.91 -11.54 -15.89
C THR G 38 -1.99 -12.96 -16.44
N LEU G 39 -2.33 -13.93 -15.60
CA LEU G 39 -2.41 -15.31 -16.06
C LEU G 39 -3.53 -15.48 -17.09
N PHE G 40 -4.64 -14.80 -16.88
CA PHE G 40 -5.74 -14.85 -17.86
C PHE G 40 -5.29 -14.32 -19.20
N LEU G 41 -4.54 -13.20 -19.21
CA LEU G 41 -4.06 -12.64 -20.47
C LEU G 41 -3.04 -13.56 -21.13
N GLN G 42 -2.18 -14.21 -20.34
CA GLN G 42 -1.23 -15.16 -20.92
C GLN G 42 -1.94 -16.31 -21.60
N THR G 43 -2.92 -16.90 -20.91
CA THR G 43 -3.66 -18.03 -21.49
C THR G 43 -4.45 -17.58 -22.72
N LEU G 44 -5.06 -16.40 -22.66
CA LEU G 44 -5.81 -15.89 -23.80
C LEU G 44 -4.90 -15.64 -25.00
N SER G 45 -3.70 -15.09 -24.75
CA SER G 45 -2.76 -14.86 -25.84
C SER G 45 -2.34 -16.18 -26.48
N TRP G 46 -2.04 -17.19 -25.66
CA TRP G 46 -1.67 -18.49 -26.22
C TRP G 46 -2.82 -19.08 -27.04
N GLU G 47 -4.04 -19.01 -26.53
CA GLU G 47 -5.17 -19.58 -27.25
C GLU G 47 -5.43 -18.85 -28.56
N ILE G 48 -5.35 -17.51 -28.55
CA ILE G 48 -5.57 -16.73 -29.77
C ILE G 48 -4.48 -17.04 -30.78
N ASP G 49 -3.23 -17.17 -30.32
CA ASP G 49 -2.15 -17.55 -31.23
C ASP G 49 -2.42 -18.92 -31.85
N ASP G 50 -2.89 -19.88 -31.05
CA ASP G 50 -3.13 -21.21 -31.57
C ASP G 50 -4.36 -21.30 -32.46
N GLN G 51 -5.32 -20.38 -32.33
CA GLN G 51 -6.58 -20.52 -33.06
C GLN G 51 -6.58 -19.80 -34.40
N VAL G 52 -6.42 -18.47 -34.38
CA VAL G 52 -6.62 -17.68 -35.61
C VAL G 52 -5.32 -17.53 -36.40
N GLY G 53 -4.20 -17.26 -35.73
CA GLY G 53 -2.94 -17.10 -36.40
C GLY G 53 -2.17 -15.93 -35.81
N ILE G 54 -1.21 -15.43 -36.59
CA ILE G 54 -0.36 -14.33 -36.18
C ILE G 54 -0.55 -13.10 -37.05
N GLU G 55 -1.60 -13.06 -37.86
CA GLU G 55 -1.90 -11.90 -38.70
C GLU G 55 -3.28 -11.33 -38.45
N VAL G 56 -4.28 -12.17 -38.18
CA VAL G 56 -5.60 -11.67 -37.83
C VAL G 56 -5.58 -11.03 -36.45
N ARG G 57 -4.82 -11.62 -35.52
CA ARG G 57 -4.76 -11.07 -34.17
C ARG G 57 -4.13 -9.68 -34.15
N ASN G 58 -3.24 -9.39 -35.11
CA ASN G 58 -2.69 -8.04 -35.19
C ASN G 58 -3.76 -7.02 -35.53
N GLU G 59 -4.62 -7.34 -36.50
CA GLU G 59 -5.74 -6.45 -36.82
C GLU G 59 -6.71 -6.34 -35.65
N LEU G 60 -6.95 -7.45 -34.95
CA LEU G 60 -7.83 -7.42 -33.79
C LEU G 60 -7.27 -6.49 -32.71
N LEU G 61 -5.96 -6.58 -32.45
CA LEU G 61 -5.34 -5.75 -31.44
C LEU G 61 -5.31 -4.28 -31.87
N ARG G 62 -5.11 -4.01 -33.16
CA ARG G 62 -5.18 -2.64 -33.65
C ARG G 62 -6.57 -2.06 -33.45
N GLU G 63 -7.61 -2.84 -33.75
CA GLU G 63 -8.97 -2.38 -33.54
C GLU G 63 -9.25 -2.17 -32.05
N VAL G 64 -8.74 -3.04 -31.19
CA VAL G 64 -8.91 -2.87 -29.75
C VAL G 64 -8.25 -1.58 -29.28
N GLY G 65 -7.03 -1.30 -29.76
CA GLY G 65 -6.36 -0.06 -29.39
C GLY G 65 -7.09 1.17 -29.90
N ARG G 66 -7.62 1.09 -31.12
CA ARG G 66 -8.39 2.21 -31.67
C ARG G 66 -9.64 2.47 -30.84
N GLY G 67 -10.32 1.40 -30.41
CA GLY G 67 -11.47 1.57 -29.54
C GLY G 67 -11.09 2.12 -28.18
N MET G 68 -9.94 1.69 -27.65
CA MET G 68 -9.46 2.22 -26.37
C MET G 68 -9.16 3.71 -26.47
N GLY G 69 -8.61 4.16 -27.60
CA GLY G 69 -8.30 5.56 -27.80
C GLY G 69 -9.51 6.48 -27.77
N THR G 70 -10.71 5.95 -27.96
CA THR G 70 -11.92 6.76 -27.87
C THR G 70 -12.30 7.08 -26.43
N ARG G 71 -12.06 6.14 -25.51
CA ARG G 71 -12.47 6.35 -24.12
C ARG G 71 -11.70 7.49 -23.48
N ILE G 72 -10.39 7.57 -23.70
CA ILE G 72 -9.55 8.61 -23.12
C ILE G 72 -8.81 9.32 -24.24
N MET G 73 -8.88 10.66 -24.22
N MET G 73 -8.90 10.66 -24.25
CA MET G 73 -8.26 11.51 -25.23
CA MET G 73 -8.22 11.46 -25.25
C MET G 73 -7.50 12.64 -24.57
C MET G 73 -7.50 12.63 -24.58
N PRO G 74 -6.41 13.11 -25.18
CA PRO G 74 -5.71 14.27 -24.65
C PRO G 74 -6.36 15.55 -25.13
N PRO G 75 -6.17 16.66 -24.40
CA PRO G 75 -6.69 17.94 -24.88
C PRO G 75 -5.95 18.39 -26.12
N PRO G 76 -6.58 19.21 -26.97
CA PRO G 76 -5.89 19.69 -28.18
C PRO G 76 -4.70 20.56 -27.83
N CYS G 77 -3.53 20.19 -28.33
CA CYS G 77 -2.29 20.89 -28.07
C CYS G 77 -1.73 21.48 -29.36
N GLN G 78 -0.87 22.48 -29.19
CA GLN G 78 -0.30 23.21 -30.33
C GLN G 78 1.16 22.89 -30.59
N THR G 79 1.89 22.40 -29.59
CA THR G 79 3.31 22.12 -29.73
C THR G 79 3.60 20.66 -29.37
N VAL G 80 4.77 20.20 -29.77
CA VAL G 80 5.13 18.80 -29.55
C VAL G 80 5.38 18.53 -28.06
N ASP G 81 5.99 19.48 -27.36
CA ASP G 81 6.30 19.28 -25.95
C ASP G 81 5.04 19.16 -25.11
N LYS G 82 4.05 20.01 -25.37
CA LYS G 82 2.79 19.92 -24.65
C LYS G 82 2.09 18.61 -24.94
N LEU G 83 2.13 18.15 -26.19
CA LEU G 83 1.56 16.86 -26.54
C LEU G 83 2.25 15.74 -25.79
N GLN G 84 3.58 15.81 -25.69
CA GLN G 84 4.33 14.80 -24.97
C GLN G 84 3.93 14.76 -23.50
N ILE G 85 3.79 15.95 -22.88
CA ILE G 85 3.41 16.01 -21.47
C ILE G 85 2.02 15.43 -21.26
N GLU G 86 1.07 15.78 -22.14
CA GLU G 86 -0.29 15.29 -21.99
C GLU G 86 -0.36 13.79 -22.19
N LEU G 87 0.34 13.26 -23.19
CA LEU G 87 0.36 11.82 -23.42
C LEU G 87 1.01 11.08 -22.27
N ASN G 88 2.08 11.66 -21.69
CA ASN G 88 2.70 11.03 -20.52
C ASN G 88 1.75 11.00 -19.34
N ALA G 89 1.00 12.09 -19.12
CA ALA G 89 0.00 12.09 -18.05
C ALA G 89 -1.07 11.05 -18.29
N LEU G 90 -1.55 10.94 -19.53
CA LEU G 90 -2.57 9.94 -19.85
C LEU G 90 -2.05 8.52 -19.64
N LEU G 91 -0.81 8.25 -20.05
CA LEU G 91 -0.23 6.93 -19.84
C LEU G 91 -0.04 6.62 -18.36
N ALA G 92 0.42 7.60 -17.58
CA ALA G 92 0.57 7.41 -16.15
C ALA G 92 -0.76 7.24 -15.44
N LEU G 93 -1.85 7.73 -16.02
CA LEU G 93 -3.18 7.48 -15.46
C LEU G 93 -3.48 5.99 -15.39
N ILE G 94 -2.98 5.21 -16.35
CA ILE G 94 -3.20 3.77 -16.37
C ILE G 94 -1.92 2.98 -16.13
N GLY G 95 -0.75 3.61 -16.19
CA GLY G 95 0.50 2.93 -15.90
C GLY G 95 1.00 2.00 -16.98
N TRP G 96 0.91 2.39 -18.24
CA TRP G 96 1.37 1.55 -19.36
C TRP G 96 2.74 1.94 -19.87
N GLY G 97 3.46 2.82 -19.18
CA GLY G 97 4.81 3.16 -19.58
C GLY G 97 5.03 4.65 -19.78
N THR G 98 6.02 5.00 -20.61
CA THR G 98 6.34 6.39 -20.89
C THR G 98 6.54 6.56 -22.39
N VAL G 99 6.37 7.79 -22.87
CA VAL G 99 6.46 8.08 -24.29
C VAL G 99 7.41 9.25 -24.52
N THR G 100 8.02 9.26 -25.70
CA THR G 100 8.93 10.34 -26.10
C THR G 100 8.71 10.61 -27.59
N LEU G 101 8.29 11.83 -27.91
CA LEU G 101 8.05 12.23 -29.29
C LEU G 101 9.15 13.17 -29.77
N GLU G 102 9.59 12.98 -31.02
CA GLU G 102 10.62 13.82 -31.60
C GLU G 102 10.37 13.98 -33.08
N LEU G 103 10.48 15.21 -33.58
CA LEU G 103 10.09 15.53 -34.95
C LEU G 103 11.35 15.62 -35.81
N LEU G 104 11.41 14.80 -36.86
CA LEU G 104 12.44 14.90 -37.88
C LEU G 104 12.00 15.93 -38.92
N SER G 105 12.73 17.04 -39.03
CA SER G 105 12.38 18.10 -39.95
C SER G 105 12.86 17.84 -41.37
N GLU G 106 13.62 16.76 -41.59
CA GLU G 106 14.09 16.45 -42.94
C GLU G 106 12.92 16.15 -43.87
N ASP G 107 11.95 15.37 -43.39
CA ASP G 107 10.75 15.06 -44.15
C ASP G 107 9.49 15.26 -43.30
N GLN G 108 9.60 16.06 -42.25
CA GLN G 108 8.48 16.38 -41.36
C GLN G 108 7.82 15.13 -40.80
N SER G 109 8.66 14.17 -40.40
CA SER G 109 8.16 12.93 -39.81
C SER G 109 8.18 13.02 -38.29
N LEU G 110 7.48 12.09 -37.65
CA LEU G 110 7.40 12.02 -36.20
C LEU G 110 7.88 10.66 -35.73
N ARG G 111 8.78 10.65 -34.76
CA ARG G 111 9.30 9.42 -34.19
C ARG G 111 8.84 9.31 -32.74
N ILE G 112 8.27 8.16 -32.40
CA ILE G 112 7.70 7.90 -31.08
C ILE G 112 8.45 6.73 -30.47
N VAL G 113 8.96 6.94 -29.25
CA VAL G 113 9.66 5.90 -28.50
C VAL G 113 8.85 5.62 -27.24
N HIS G 114 8.43 4.37 -27.08
CA HIS G 114 7.65 3.95 -25.93
C HIS G 114 8.50 3.05 -25.05
N GLU G 115 8.49 3.31 -23.74
CA GLU G 115 9.31 2.59 -22.79
C GLU G 115 8.43 1.98 -21.71
N ASN G 116 8.89 0.83 -21.19
CA ASN G 116 8.20 0.09 -20.14
C ASN G 116 6.83 -0.41 -20.61
N LEU G 117 6.85 -1.16 -21.71
CA LEU G 117 5.64 -1.84 -22.17
C LEU G 117 5.28 -2.97 -21.21
N PRO G 118 3.99 -3.14 -20.89
CA PRO G 118 3.59 -4.30 -20.08
C PRO G 118 3.92 -5.61 -20.79
N GLN G 119 4.34 -6.60 -20.02
CA GLN G 119 4.72 -7.90 -20.55
C GLN G 119 3.74 -8.95 -20.07
N VAL G 120 3.15 -9.68 -21.02
CA VAL G 120 2.24 -10.78 -20.71
C VAL G 120 2.71 -12.01 -21.49
N GLY G 121 3.04 -13.07 -20.77
CA GLY G 121 3.47 -14.31 -21.41
C GLY G 121 4.80 -14.15 -22.13
N SER G 122 4.99 -15.01 -23.13
CA SER G 122 6.19 -15.00 -23.96
C SER G 122 5.85 -15.04 -25.45
N ALA G 123 4.70 -14.50 -25.83
CA ALA G 123 4.27 -14.50 -27.22
C ALA G 123 4.61 -13.17 -27.89
N GLY G 124 4.67 -13.19 -29.21
CA GLY G 124 4.98 -12.03 -30.00
C GLY G 124 6.37 -12.11 -30.62
N GLU G 125 6.61 -11.20 -31.56
CA GLU G 125 7.90 -11.10 -32.26
C GLU G 125 8.49 -9.72 -32.03
N PRO G 126 9.50 -9.58 -31.16
CA PRO G 126 10.11 -10.65 -30.34
C PRO G 126 9.26 -11.05 -29.14
N SER G 127 9.68 -12.09 -28.43
CA SER G 127 8.91 -12.60 -27.31
C SER G 127 8.73 -11.52 -26.24
N GLY G 128 7.50 -11.39 -25.76
CA GLY G 128 7.15 -10.41 -24.75
C GLY G 128 6.48 -9.17 -25.29
N THR G 129 6.61 -8.89 -26.58
CA THR G 129 5.97 -7.73 -27.20
C THR G 129 4.71 -8.19 -27.91
N TRP G 130 3.66 -8.43 -27.10
CA TRP G 130 2.38 -8.88 -27.63
C TRP G 130 1.36 -7.75 -27.77
N LEU G 131 1.56 -6.63 -27.09
CA LEU G 131 0.62 -5.52 -27.09
C LEU G 131 1.12 -4.33 -27.90
N ALA G 132 1.88 -4.58 -28.96
CA ALA G 132 2.43 -3.52 -29.80
C ALA G 132 1.40 -2.94 -30.77
N PRO G 133 0.59 -3.76 -31.45
CA PRO G 133 -0.46 -3.17 -32.30
C PRO G 133 -1.45 -2.31 -31.53
N VAL G 134 -1.70 -2.63 -30.26
CA VAL G 134 -2.54 -1.77 -29.43
C VAL G 134 -1.94 -0.39 -29.31
N LEU G 135 -0.63 -0.31 -29.04
CA LEU G 135 0.04 0.98 -29.00
C LEU G 135 0.00 1.67 -30.34
N GLU G 136 0.17 0.92 -31.43
CA GLU G 136 0.12 1.51 -32.76
C GLU G 136 -1.21 2.22 -33.00
N GLY G 137 -2.31 1.51 -32.77
CA GLY G 137 -3.63 2.10 -32.95
C GLY G 137 -3.89 3.26 -32.00
N LEU G 138 -3.51 3.10 -30.73
CA LEU G 138 -3.74 4.14 -29.74
C LEU G 138 -3.01 5.43 -30.10
N TYR G 139 -1.72 5.31 -30.43
CA TYR G 139 -0.95 6.50 -30.79
C TYR G 139 -1.43 7.10 -32.09
N GLY G 140 -1.82 6.28 -33.06
CA GLY G 140 -2.37 6.81 -34.30
C GLY G 140 -3.61 7.65 -34.04
N ARG G 141 -4.54 7.12 -33.23
CA ARG G 141 -5.74 7.88 -32.90
C ARG G 141 -5.39 9.17 -32.16
N TRP G 142 -4.52 9.07 -31.15
CA TRP G 142 -4.23 10.22 -30.30
C TRP G 142 -3.57 11.34 -31.10
N VAL G 143 -2.64 11.01 -32.00
CA VAL G 143 -1.92 12.03 -32.73
C VAL G 143 -2.77 12.56 -33.89
N THR G 144 -3.41 11.66 -34.65
CA THR G 144 -4.19 12.09 -35.81
C THR G 144 -5.40 12.92 -35.38
N SER G 145 -5.91 12.71 -34.16
CA SER G 145 -7.06 13.48 -33.70
C SER G 145 -6.73 14.96 -33.63
N GLN G 146 -5.54 15.31 -33.14
CA GLN G 146 -5.12 16.70 -33.09
C GLN G 146 -4.59 17.17 -34.44
N ALA G 149 2.63 17.01 -34.81
CA ALA G 149 1.26 16.64 -34.51
C ALA G 149 0.46 16.39 -35.78
N PHE G 150 -0.17 17.44 -36.30
CA PHE G 150 -0.94 17.40 -37.53
C PHE G 150 -2.12 16.43 -37.42
N GLY G 151 -2.83 16.20 -38.51
CA GLY G 151 -3.99 15.33 -38.48
C GLY G 151 -4.11 14.41 -39.68
N ASP G 152 -2.97 14.09 -40.31
CA ASP G 152 -2.96 13.17 -41.45
C ASP G 152 -1.64 12.41 -41.41
N TYR G 153 -1.67 11.23 -40.78
CA TYR G 153 -0.48 10.41 -40.63
C TYR G 153 -0.90 8.95 -40.49
N VAL G 154 0.07 8.06 -40.70
CA VAL G 154 -0.12 6.62 -40.52
C VAL G 154 1.04 6.07 -39.70
N VAL G 155 0.75 5.13 -38.81
CA VAL G 155 1.75 4.55 -37.94
C VAL G 155 2.27 3.25 -38.53
N THR G 156 3.59 3.13 -38.64
CA THR G 156 4.24 1.91 -39.10
C THR G 156 5.33 1.55 -38.11
N ARG G 157 5.22 0.37 -37.50
CA ARG G 157 6.21 -0.07 -36.53
C ARG G 157 7.56 -0.30 -37.19
N ASP G 158 8.61 0.16 -36.53
CA ASP G 158 9.98 0.00 -37.02
C ASP G 158 10.60 -1.21 -36.32
N VAL G 159 10.55 -2.36 -36.98
CA VAL G 159 11.08 -3.59 -36.42
C VAL G 159 11.94 -4.31 -37.46
N ALA G 166 19.88 -2.57 -30.73
CA ALA G 166 20.37 -2.79 -29.37
C ALA G 166 19.40 -2.22 -28.34
N VAL G 167 18.18 -1.96 -28.77
CA VAL G 167 17.13 -1.41 -27.90
C VAL G 167 16.68 -2.50 -26.93
N PRO G 168 16.19 -2.15 -25.74
CA PRO G 168 15.70 -3.16 -24.81
C PRO G 168 14.50 -3.91 -25.37
N ARG G 169 14.10 -4.96 -24.64
CA ARG G 169 13.01 -5.81 -25.10
C ARG G 169 11.67 -5.08 -25.07
N GLN G 170 11.46 -4.20 -24.09
CA GLN G 170 10.17 -3.55 -23.89
C GLN G 170 10.09 -2.18 -24.57
N THR G 171 11.09 -1.81 -25.35
CA THR G 171 11.10 -0.53 -26.06
C THR G 171 10.60 -0.72 -27.48
N ILE G 172 9.64 0.11 -27.88
CA ILE G 172 9.01 0.03 -29.20
C ILE G 172 9.21 1.37 -29.90
N ILE G 173 9.63 1.32 -31.16
CA ILE G 173 9.87 2.51 -31.97
C ILE G 173 8.86 2.51 -33.11
N MET G 174 8.15 3.62 -33.27
CA MET G 174 7.15 3.78 -34.33
C MET G 174 7.41 5.07 -35.08
N TYR G 175 6.96 5.11 -36.33
CA TYR G 175 7.12 6.26 -37.19
C TYR G 175 5.75 6.75 -37.67
N MET G 176 5.61 8.06 -37.77
CA MET G 176 4.35 8.72 -38.14
C MET G 176 4.62 9.60 -39.36
N ARG G 177 4.51 9.01 -40.55
CA ARG G 177 4.74 9.73 -41.80
C ARG G 177 3.47 9.75 -42.63
N VAL G 178 3.30 10.81 -43.40
CA VAL G 178 2.12 10.97 -44.25
C VAL G 178 2.19 10.02 -45.44
N LYS H 33 -4.17 -6.93 8.94
CA LYS H 33 -2.79 -7.07 8.49
C LYS H 33 -2.49 -8.50 8.03
N LYS H 34 -1.78 -8.63 6.92
CA LYS H 34 -1.39 -9.94 6.43
C LYS H 34 -0.38 -10.57 7.40
N PRO H 35 -0.56 -11.83 7.78
CA PRO H 35 0.36 -12.44 8.75
C PRO H 35 1.79 -12.50 8.23
N ASP H 36 2.74 -12.37 9.15
CA ASP H 36 4.16 -12.43 8.85
C ASP H 36 4.73 -13.73 9.41
N PHE H 37 5.46 -14.47 8.57
CA PHE H 37 5.96 -15.79 8.93
C PHE H 37 7.48 -15.81 9.05
N THR H 38 8.14 -14.65 9.07
CA THR H 38 9.60 -14.63 9.07
C THR H 38 10.17 -15.18 10.38
N LEU H 39 9.67 -14.70 11.52
CA LEU H 39 10.17 -15.17 12.81
C LEU H 39 9.85 -16.65 13.02
N PHE H 40 8.66 -17.08 12.59
CA PHE H 40 8.31 -18.48 12.69
C PHE H 40 9.27 -19.35 11.87
N LEU H 41 9.61 -18.90 10.66
CA LEU H 41 10.53 -19.67 9.83
C LEU H 41 11.94 -19.68 10.43
N GLN H 42 12.38 -18.58 11.03
CA GLN H 42 13.68 -18.55 11.68
C GLN H 42 13.73 -19.55 12.84
N THR H 43 12.71 -19.53 13.69
CA THR H 43 12.68 -20.46 14.83
C THR H 43 12.59 -21.91 14.35
N LEU H 44 11.78 -22.15 13.32
CA LEU H 44 11.65 -23.51 12.78
C LEU H 44 12.96 -23.99 12.20
N SER H 45 13.68 -23.11 11.49
CA SER H 45 14.97 -23.49 10.92
C SER H 45 15.97 -23.83 12.03
N TRP H 46 16.02 -23.02 13.07
CA TRP H 46 16.92 -23.32 14.19
C TRP H 46 16.57 -24.65 14.84
N GLU H 47 15.27 -24.89 15.07
CA GLU H 47 14.86 -26.13 15.73
C GLU H 47 15.16 -27.35 14.86
N ILE H 48 14.92 -27.25 13.56
CA ILE H 48 15.20 -28.36 12.65
C ILE H 48 16.70 -28.63 12.60
N ASP H 49 17.51 -27.57 12.57
CA ASP H 49 18.96 -27.74 12.60
C ASP H 49 19.40 -28.44 13.88
N ASP H 50 18.81 -28.06 15.02
CA ASP H 50 19.23 -28.66 16.28
C ASP H 50 18.70 -30.09 16.44
N GLN H 51 17.63 -30.44 15.73
CA GLN H 51 16.96 -31.72 15.97
C GLN H 51 17.52 -32.86 15.11
N VAL H 52 17.41 -32.74 13.79
CA VAL H 52 17.72 -33.85 12.90
C VAL H 52 19.16 -33.79 12.39
N GLY H 53 19.62 -32.62 11.98
CA GLY H 53 20.97 -32.48 11.48
C GLY H 53 21.01 -31.53 10.29
N ILE H 54 22.08 -31.64 9.51
CA ILE H 54 22.30 -30.79 8.35
C ILE H 54 22.32 -31.58 7.05
N GLU H 55 21.88 -32.84 7.09
CA GLU H 55 21.81 -33.66 5.90
C GLU H 55 20.41 -34.20 5.62
N VAL H 56 19.66 -34.55 6.66
CA VAL H 56 18.28 -34.98 6.47
C VAL H 56 17.41 -33.79 6.07
N ARG H 57 17.67 -32.62 6.65
CA ARG H 57 16.87 -31.45 6.31
C ARG H 57 17.05 -31.04 4.86
N ASN H 58 18.21 -31.33 4.27
CA ASN H 58 18.41 -31.04 2.85
C ASN H 58 17.48 -31.89 2.00
N GLU H 59 17.37 -33.19 2.31
CA GLU H 59 16.43 -34.04 1.59
C GLU H 59 14.98 -33.61 1.82
N LEU H 60 14.66 -33.22 3.06
CA LEU H 60 13.31 -32.75 3.34
C LEU H 60 12.98 -31.50 2.54
N LEU H 61 13.93 -30.56 2.44
CA LEU H 61 13.70 -29.34 1.68
C LEU H 61 13.61 -29.63 0.18
N ARG H 62 14.40 -30.58 -0.31
CA ARG H 62 14.30 -30.97 -1.71
C ARG H 62 12.93 -31.57 -2.01
N GLU H 63 12.43 -32.41 -1.11
CA GLU H 63 11.09 -32.98 -1.30
C GLU H 63 10.02 -31.90 -1.23
N VAL H 64 10.18 -30.93 -0.33
CA VAL H 64 9.24 -29.83 -0.24
C VAL H 64 9.22 -29.02 -1.53
N GLY H 65 10.40 -28.74 -2.08
CA GLY H 65 10.46 -28.02 -3.35
C GLY H 65 9.86 -28.81 -4.50
N ARG H 66 10.10 -30.12 -4.52
CA ARG H 66 9.50 -30.96 -5.55
C ARG H 66 7.97 -30.95 -5.46
N GLY H 67 7.43 -31.01 -4.24
CA GLY H 67 6.00 -30.91 -4.08
C GLY H 67 5.45 -29.54 -4.45
N MET H 68 6.20 -28.48 -4.15
CA MET H 68 5.79 -27.13 -4.54
C MET H 68 5.76 -26.98 -6.06
N GLY H 69 6.68 -27.65 -6.75
CA GLY H 69 6.71 -27.60 -8.20
C GLY H 69 5.50 -28.21 -8.88
N THR H 70 4.67 -28.95 -8.14
CA THR H 70 3.46 -29.53 -8.70
C THR H 70 2.28 -28.56 -8.67
N ARG H 71 2.27 -27.63 -7.72
CA ARG H 71 1.15 -26.69 -7.63
C ARG H 71 1.18 -25.67 -8.78
N ILE H 72 2.36 -25.13 -9.10
CA ILE H 72 2.52 -24.14 -10.15
C ILE H 72 3.50 -24.69 -11.18
N MET H 73 3.10 -24.64 -12.45
N MET H 73 3.10 -24.66 -12.45
CA MET H 73 3.89 -25.16 -13.55
CA MET H 73 3.91 -25.16 -13.54
C MET H 73 3.94 -24.16 -14.69
C MET H 73 3.95 -24.15 -14.68
N PRO H 74 5.02 -24.14 -15.47
CA PRO H 74 5.07 -23.28 -16.64
C PRO H 74 4.51 -23.99 -17.86
N PRO H 75 4.03 -23.24 -18.84
CA PRO H 75 3.55 -23.88 -20.07
C PRO H 75 4.71 -24.47 -20.85
N PRO H 76 4.46 -25.49 -21.66
CA PRO H 76 5.55 -26.11 -22.44
C PRO H 76 6.13 -25.13 -23.45
N CYS H 77 7.43 -24.90 -23.36
CA CYS H 77 8.14 -23.97 -24.22
C CYS H 77 9.14 -24.71 -25.10
N GLN H 78 9.50 -24.08 -26.22
CA GLN H 78 10.39 -24.69 -27.19
C GLN H 78 11.80 -24.11 -27.18
N THR H 79 11.97 -22.89 -26.72
CA THR H 79 13.27 -22.23 -26.71
C THR H 79 13.66 -21.82 -25.30
N VAL H 80 14.94 -21.52 -25.11
CA VAL H 80 15.45 -21.17 -23.79
C VAL H 80 14.92 -19.82 -23.34
N ASP H 81 14.81 -18.86 -24.26
CA ASP H 81 14.36 -17.51 -23.89
C ASP H 81 12.92 -17.52 -23.42
N LYS H 82 12.05 -18.26 -24.12
CA LYS H 82 10.66 -18.36 -23.69
C LYS H 82 10.55 -19.03 -22.33
N LEU H 83 11.36 -20.07 -22.10
CA LEU H 83 11.40 -20.71 -20.79
C LEU H 83 11.82 -19.73 -19.71
N GLN H 84 12.84 -18.91 -20.00
CA GLN H 84 13.30 -17.92 -19.05
C GLN H 84 12.19 -16.92 -18.72
N ILE H 85 11.48 -16.45 -19.74
CA ILE H 85 10.40 -15.49 -19.51
C ILE H 85 9.30 -16.10 -18.66
N GLU H 86 8.91 -17.34 -18.99
CA GLU H 86 7.83 -17.99 -18.24
C GLU H 86 8.23 -18.26 -16.79
N LEU H 87 9.47 -18.73 -16.56
CA LEU H 87 9.93 -18.94 -15.19
C LEU H 87 10.06 -17.64 -14.42
N ASN H 88 10.48 -16.56 -15.07
CA ASN H 88 10.52 -15.27 -14.40
C ASN H 88 9.12 -14.80 -14.01
N ALA H 89 8.13 -14.98 -14.89
CA ALA H 89 6.76 -14.63 -14.55
C ALA H 89 6.25 -15.48 -13.38
N LEU H 90 6.55 -16.78 -13.40
CA LEU H 90 6.13 -17.65 -12.30
C LEU H 90 6.77 -17.23 -10.98
N LEU H 91 8.05 -16.89 -11.01
CA LEU H 91 8.72 -16.45 -9.78
C LEU H 91 8.17 -15.12 -9.29
N ALA H 92 7.90 -14.18 -10.21
CA ALA H 92 7.32 -12.91 -9.82
C ALA H 92 5.90 -13.06 -9.30
N LEU H 93 5.20 -14.13 -9.67
CA LEU H 93 3.88 -14.38 -9.11
C LEU H 93 3.93 -14.54 -7.59
N ILE H 94 5.02 -15.09 -7.06
CA ILE H 94 5.19 -15.27 -5.62
C ILE H 94 6.27 -14.38 -5.04
N GLY H 95 7.15 -13.82 -5.86
CA GLY H 95 8.16 -12.90 -5.35
C GLY H 95 9.38 -13.54 -4.73
N TRP H 96 9.89 -14.62 -5.30
CA TRP H 96 11.05 -15.32 -4.76
C TRP H 96 12.35 -14.98 -5.47
N GLY H 97 12.34 -13.97 -6.35
CA GLY H 97 13.57 -13.54 -6.99
C GLY H 97 13.51 -13.54 -8.50
N THR H 98 14.67 -13.69 -9.15
CA THR H 98 14.76 -13.71 -10.61
C THR H 98 15.69 -14.84 -11.03
N VAL H 99 15.51 -15.29 -12.28
CA VAL H 99 16.28 -16.42 -12.80
C VAL H 99 16.89 -16.03 -14.13
N THR H 100 18.04 -16.66 -14.44
CA THR H 100 18.74 -16.46 -15.71
C THR H 100 19.27 -17.81 -16.16
N LEU H 101 18.87 -18.24 -17.35
CA LEU H 101 19.27 -19.53 -17.89
C LEU H 101 20.24 -19.34 -19.06
N GLU H 102 21.28 -20.18 -19.09
CA GLU H 102 22.26 -20.15 -20.16
C GLU H 102 22.54 -21.58 -20.62
N LEU H 103 22.75 -21.76 -21.91
CA LEU H 103 23.00 -23.07 -22.50
C LEU H 103 24.46 -23.12 -22.95
N LEU H 104 25.27 -23.92 -22.26
CA LEU H 104 26.66 -24.13 -22.65
C LEU H 104 26.70 -25.28 -23.65
N SER H 105 27.09 -24.97 -24.89
CA SER H 105 27.06 -25.96 -25.96
C SER H 105 28.30 -26.85 -25.99
N GLU H 106 29.28 -26.61 -25.12
CA GLU H 106 30.47 -27.45 -25.08
C GLU H 106 30.10 -28.89 -24.72
N ASP H 107 29.22 -29.05 -23.73
CA ASP H 107 28.71 -30.36 -23.33
C ASP H 107 27.19 -30.35 -23.20
N GLN H 108 26.53 -29.37 -23.83
CA GLN H 108 25.08 -29.24 -23.81
C GLN H 108 24.53 -29.19 -22.39
N SER H 109 25.18 -28.40 -21.54
CA SER H 109 24.77 -28.25 -20.15
C SER H 109 23.97 -26.96 -19.98
N LEU H 110 23.27 -26.86 -18.86
CA LEU H 110 22.46 -25.71 -18.53
C LEU H 110 22.96 -25.07 -17.24
N ARG H 111 23.18 -23.76 -17.27
CA ARG H 111 23.60 -23.00 -16.11
C ARG H 111 22.46 -22.08 -15.68
N ILE H 112 22.09 -22.16 -14.41
CA ILE H 112 20.99 -21.39 -13.86
C ILE H 112 21.52 -20.49 -12.76
N VAL H 113 21.23 -19.19 -12.87
CA VAL H 113 21.63 -18.21 -11.88
C VAL H 113 20.36 -17.62 -11.27
N HIS H 114 20.22 -17.76 -9.95
CA HIS H 114 19.06 -17.25 -9.23
C HIS H 114 19.49 -16.08 -8.36
N GLU H 115 18.75 -14.99 -8.43
CA GLU H 115 19.07 -13.76 -7.73
C GLU H 115 17.92 -13.36 -6.80
N ASN H 116 18.29 -12.71 -5.69
CA ASN H 116 17.34 -12.24 -4.68
C ASN H 116 16.60 -13.42 -4.03
N LEU H 117 17.37 -14.36 -3.49
CA LEU H 117 16.79 -15.42 -2.70
C LEU H 117 16.29 -14.88 -1.36
N PRO H 118 15.11 -15.30 -0.91
CA PRO H 118 14.64 -14.87 0.41
C PRO H 118 15.59 -15.34 1.51
N GLN H 119 15.76 -14.48 2.53
CA GLN H 119 16.66 -14.75 3.64
C GLN H 119 15.84 -14.93 4.90
N VAL H 120 16.03 -16.06 5.58
CA VAL H 120 15.38 -16.35 6.86
C VAL H 120 16.46 -16.78 7.85
N GLY H 121 16.59 -16.02 8.93
CA GLY H 121 17.57 -16.36 9.95
C GLY H 121 19.00 -16.22 9.46
N SER H 122 19.89 -16.98 10.10
CA SER H 122 21.30 -16.99 9.74
C SER H 122 21.83 -18.41 9.60
N ALA H 123 20.97 -19.36 9.25
CA ALA H 123 21.37 -20.75 9.11
C ALA H 123 21.67 -21.08 7.64
N GLY H 124 22.43 -22.15 7.45
CA GLY H 124 22.82 -22.61 6.13
C GLY H 124 24.29 -22.37 5.87
N GLU H 125 24.77 -23.00 4.80
CA GLU H 125 26.16 -22.88 4.35
C GLU H 125 26.21 -22.31 2.94
N PRO H 126 26.53 -21.02 2.76
CA PRO H 126 26.85 -20.04 3.81
C PRO H 126 25.62 -19.53 4.53
N SER H 127 25.83 -18.75 5.60
CA SER H 127 24.73 -18.24 6.41
C SER H 127 23.77 -17.42 5.56
N GLY H 128 22.47 -17.67 5.72
CA GLY H 128 21.43 -16.99 4.99
C GLY H 128 20.87 -17.77 3.81
N THR H 129 21.59 -18.77 3.32
CA THR H 129 21.13 -19.60 2.20
C THR H 129 20.57 -20.91 2.77
N TRP H 130 19.36 -20.82 3.31
CA TRP H 130 18.69 -21.98 3.90
C TRP H 130 17.69 -22.62 2.96
N LEU H 131 17.24 -21.92 1.93
CA LEU H 131 16.22 -22.40 1.01
C LEU H 131 16.78 -22.76 -0.36
N ALA H 132 18.02 -23.25 -0.41
CA ALA H 132 18.66 -23.61 -1.67
C ALA H 132 18.20 -24.96 -2.20
N PRO H 133 18.08 -26.01 -1.36
CA PRO H 133 17.52 -27.27 -1.89
C PRO H 133 16.10 -27.13 -2.42
N VAL H 134 15.32 -26.20 -1.87
CA VAL H 134 13.99 -25.94 -2.41
C VAL H 134 14.09 -25.49 -3.86
N LEU H 135 15.01 -24.55 -4.14
CA LEU H 135 15.22 -24.11 -5.51
C LEU H 135 15.74 -25.25 -6.37
N GLU H 136 16.63 -26.09 -5.83
CA GLU H 136 17.14 -27.21 -6.60
C GLU H 136 16.00 -28.11 -7.07
N GLY H 137 15.15 -28.53 -6.14
CA GLY H 137 14.03 -29.39 -6.52
C GLY H 137 13.04 -28.71 -7.43
N LEU H 138 12.72 -27.44 -7.16
CA LEU H 138 11.76 -26.71 -7.97
C LEU H 138 12.24 -26.57 -9.41
N TYR H 139 13.50 -26.15 -9.59
CA TYR H 139 14.04 -25.98 -10.92
C TYR H 139 14.19 -27.32 -11.64
N GLY H 140 14.58 -28.37 -10.90
CA GLY H 140 14.64 -29.69 -11.51
C GLY H 140 13.30 -30.11 -12.07
N ARG H 141 12.24 -29.96 -11.27
CA ARG H 141 10.90 -30.30 -11.75
C ARG H 141 10.51 -29.45 -12.96
N TRP H 142 10.72 -28.14 -12.84
CA TRP H 142 10.26 -27.22 -13.89
C TRP H 142 10.95 -27.48 -15.22
N VAL H 143 12.26 -27.77 -15.18
CA VAL H 143 12.99 -27.96 -16.42
C VAL H 143 12.78 -29.38 -16.96
N THR H 144 12.86 -30.39 -16.09
CA THR H 144 12.71 -31.76 -16.56
C THR H 144 11.30 -32.03 -17.08
N SER H 145 10.31 -31.28 -16.60
CA SER H 145 8.95 -31.47 -17.09
C SER H 145 8.84 -31.21 -18.59
N GLN H 146 9.51 -30.15 -19.07
CA GLN H 146 9.51 -29.84 -20.50
C GLN H 146 10.56 -30.66 -21.23
N ALA H 149 16.63 -26.95 -22.41
CA ALA H 149 15.43 -27.48 -21.75
C ALA H 149 15.53 -28.99 -21.57
N PHE H 150 15.04 -29.73 -22.56
CA PHE H 150 15.07 -31.19 -22.58
C PHE H 150 14.28 -31.78 -21.40
N GLY H 151 14.34 -33.09 -21.23
CA GLY H 151 13.57 -33.74 -20.18
C GLY H 151 14.32 -34.82 -19.45
N ASP H 152 15.66 -34.74 -19.44
CA ASP H 152 16.49 -35.72 -18.73
C ASP H 152 17.73 -34.99 -18.22
N TYR H 153 17.65 -34.53 -16.97
CA TYR H 153 18.73 -33.76 -16.36
C TYR H 153 18.66 -33.92 -14.86
N VAL H 154 19.77 -33.61 -14.19
CA VAL H 154 19.85 -33.60 -12.74
C VAL H 154 20.49 -32.29 -12.29
N VAL H 155 20.04 -31.77 -11.16
CA VAL H 155 20.50 -30.50 -10.63
C VAL H 155 21.55 -30.76 -9.56
N THR H 156 22.70 -30.11 -9.68
CA THR H 156 23.77 -30.16 -8.69
C THR H 156 24.22 -28.75 -8.37
N ARG H 157 24.07 -28.34 -7.11
CA ARG H 157 24.44 -27.00 -6.72
C ARG H 157 25.95 -26.81 -6.81
N ASP H 158 26.37 -25.66 -7.36
CA ASP H 158 27.78 -25.33 -7.51
C ASP H 158 28.19 -24.45 -6.33
N VAL H 159 28.75 -25.07 -5.31
CA VAL H 159 29.19 -24.35 -4.11
C VAL H 159 30.60 -24.78 -3.72
N ALA H 166 33.11 -14.74 -5.87
CA ALA H 166 32.84 -13.36 -5.47
C ALA H 166 31.38 -13.01 -5.69
N VAL H 167 30.54 -14.04 -5.79
CA VAL H 167 29.10 -13.86 -6.00
C VAL H 167 28.48 -13.33 -4.71
N PRO H 168 27.37 -12.60 -4.79
CA PRO H 168 26.70 -12.11 -3.58
C PRO H 168 26.21 -13.25 -2.71
N ARG H 169 25.74 -12.89 -1.50
CA ARG H 169 25.29 -13.89 -0.55
C ARG H 169 24.01 -14.58 -1.00
N GLN H 170 23.13 -13.86 -1.69
CA GLN H 170 21.82 -14.37 -2.07
C GLN H 170 21.76 -14.92 -3.48
N THR H 171 22.91 -15.10 -4.13
CA THR H 171 22.97 -15.63 -5.48
C THR H 171 23.31 -17.12 -5.44
N ILE H 172 22.50 -17.93 -6.10
CA ILE H 172 22.66 -19.38 -6.13
C ILE H 172 22.92 -19.81 -7.57
N ILE H 173 23.96 -20.62 -7.77
CA ILE H 173 24.35 -21.11 -9.08
C ILE H 173 24.17 -22.62 -9.11
N MET H 174 23.45 -23.12 -10.11
CA MET H 174 23.17 -24.53 -10.26
C MET H 174 23.48 -24.98 -11.68
N TYR H 175 23.76 -26.26 -11.84
CA TYR H 175 24.07 -26.86 -13.12
C TYR H 175 23.09 -27.99 -13.42
N MET H 176 22.73 -28.12 -14.70
CA MET H 176 21.75 -29.11 -15.15
C MET H 176 22.41 -29.95 -16.25
N ARG H 177 23.09 -31.02 -15.85
CA ARG H 177 23.78 -31.90 -16.78
C ARG H 177 23.17 -33.30 -16.70
N VAL H 178 23.20 -34.01 -17.83
CA VAL H 178 22.65 -35.35 -17.90
C VAL H 178 23.55 -36.33 -17.18
#